data_8UZV
#
_entry.id   8UZV
#
_cell.length_a   49.790
_cell.length_b   104.808
_cell.length_c   193.181
_cell.angle_alpha   90.00
_cell.angle_beta   90.00
_cell.angle_gamma   90.00
#
_symmetry.space_group_name_H-M   'P 21 21 21'
#
loop_
_entity.id
_entity.type
_entity.pdbx_description
1 polymer 'Tyrosyl-DNA phosphodiesterase 1'
2 non-polymer '8-{[2-(fluorosulfonyl)ethyl]amino}-4-oxo-1,4-dihydroquinoline-3-carboxylic acid'
3 non-polymer 1,2-ETHANEDIOL
4 non-polymer 'DIMETHYL SULFOXIDE'
5 non-polymer DI(HYDROXYETHYL)ETHER
6 water water
#
_entity_poly.entity_id   1
_entity_poly.type   'polypeptide(L)'
_entity_poly.pdbx_seq_one_letter_code
;SGEGQDIWDMLDKGNPFQFYLTRVSGVKPKYNSGALHIKDILSPLFGTLVSSAQFNYCFDVDWLVKQYPPEFRKKPILLV
HGDKREAKAHLHAQAKPYENISLCQAKLDIAFGTHHTKMMLLLYEEGLRVVIHTSNLIHADWHQKTQGIWLSPLYPRIAD
GTHKSGESPTHFKADLISYLMAYNAPSLKEWIDVIHKHDLSETNVYLIGSTPGRFQGSQKDNWGHFRLKKLLKDHASSMP
NAESWPVVGQFSSVGSLGADESKWLCSEFKESMLTLGKESKTPGKSSVPLYLIYPSVENVRTSLEGYPAGGSLPYSIQTA
EKQNWLHSYFHKWSAETSGRSNAMPHIKTYMRPSPDFSKIAWFLVTSANLSKAAWGALEKNGTQLMIRSYELGVLFLPSA
FGLDSFKVKQKFFAGSQEPMATFPVPYDLPPELYGSKDRPWIWNIPYVKAPDTHGNMWVPS
;
_entity_poly.pdbx_strand_id   A,B
#
# COMPACT_ATOMS: atom_id res chain seq x y z
N ASN A 15 -22.23 9.04 -1.11
CA ASN A 15 -21.28 9.16 -2.21
C ASN A 15 -19.88 8.74 -1.73
N PRO A 16 -19.11 8.11 -2.62
CA PRO A 16 -17.81 7.59 -2.18
C PRO A 16 -16.77 8.66 -1.96
N PHE A 17 -16.89 9.84 -2.60
CA PHE A 17 -15.75 10.73 -2.64
C PHE A 17 -15.65 11.65 -1.45
N GLN A 18 -16.79 12.08 -0.90
CA GLN A 18 -16.81 12.96 0.28
C GLN A 18 -16.04 14.25 0.00
N PHE A 19 -16.21 14.76 -1.22
CA PHE A 19 -15.63 16.03 -1.63
C PHE A 19 -16.75 17.06 -1.65
N TYR A 20 -16.57 18.17 -0.92
CA TYR A 20 -17.62 19.16 -0.74
C TYR A 20 -17.07 20.54 -1.07
N LEU A 21 -17.98 21.44 -1.41
CA LEU A 21 -17.66 22.86 -1.45
C LEU A 21 -18.25 23.52 -0.20
N THR A 22 -17.65 24.67 0.18
CA THR A 22 -18.23 25.48 1.24
C THR A 22 -19.50 26.17 0.74
N ARG A 23 -20.37 26.48 1.69
CA ARG A 23 -21.59 27.24 1.40
C ARG A 23 -21.20 28.64 0.93
N VAL A 24 -21.97 29.15 -0.02
CA VAL A 24 -21.78 30.50 -0.57
C VAL A 24 -23.03 31.29 -0.29
N SER A 25 -22.88 32.41 0.42
N SER A 25 -22.88 32.40 0.43
CA SER A 25 -24.02 33.28 0.71
CA SER A 25 -24.01 33.27 0.70
C SER A 25 -24.40 34.04 -0.55
C SER A 25 -24.39 34.02 -0.58
N GLY A 26 -25.64 33.88 -0.99
CA GLY A 26 -26.16 34.59 -2.15
C GLY A 26 -26.55 33.73 -3.32
N VAL A 27 -26.13 32.48 -3.38
CA VAL A 27 -26.57 31.61 -4.46
C VAL A 27 -27.87 30.92 -4.05
N LYS A 28 -28.62 30.44 -5.04
CA LYS A 28 -29.89 29.79 -4.76
C LYS A 28 -29.66 28.54 -3.91
N PRO A 29 -30.65 28.15 -3.10
CA PRO A 29 -30.44 26.99 -2.19
C PRO A 29 -30.01 25.72 -2.92
N LYS A 30 -30.46 25.53 -4.16
CA LYS A 30 -30.02 24.40 -4.97
C LYS A 30 -28.50 24.28 -5.01
N TYR A 31 -27.78 25.40 -4.99
CA TYR A 31 -26.33 25.37 -5.07
C TYR A 31 -25.64 25.32 -3.70
N ASN A 32 -26.40 25.35 -2.61
CA ASN A 32 -25.84 25.11 -1.29
C ASN A 32 -26.31 23.80 -0.69
N SER A 33 -27.25 23.13 -1.34
CA SER A 33 -27.72 21.82 -0.89
C SER A 33 -26.61 20.81 -1.11
N GLY A 34 -26.03 20.33 -0.03
CA GLY A 34 -24.86 19.50 -0.16
C GLY A 34 -23.54 20.24 -0.06
N ALA A 35 -23.56 21.54 0.17
CA ALA A 35 -22.36 22.26 0.56
C ALA A 35 -22.28 22.28 2.08
N LEU A 36 -21.10 22.61 2.60
CA LEU A 36 -20.86 22.59 4.05
C LEU A 36 -20.31 23.93 4.52
N HIS A 37 -20.95 24.50 5.53
CA HIS A 37 -20.34 25.59 6.27
C HIS A 37 -19.51 25.01 7.42
N ILE A 38 -18.59 25.82 7.95
CA ILE A 38 -17.76 25.34 9.06
C ILE A 38 -18.65 24.97 10.26
N LYS A 39 -19.76 25.68 10.46
CA LYS A 39 -20.68 25.31 11.53
C LYS A 39 -21.25 23.91 11.33
N ASP A 40 -21.46 23.49 10.08
CA ASP A 40 -21.92 22.13 9.81
C ASP A 40 -20.84 21.12 10.15
N ILE A 41 -19.58 21.39 9.77
CA ILE A 41 -18.49 20.45 10.03
C ILE A 41 -18.31 20.23 11.54
N LEU A 42 -18.48 21.28 12.35
CA LEU A 42 -18.25 21.19 13.78
C LEU A 42 -19.50 20.80 14.55
N SER A 43 -20.64 20.66 13.86
CA SER A 43 -21.92 20.33 14.46
C SER A 43 -21.84 19.09 15.33
N PRO A 44 -22.64 18.99 16.39
N PRO A 44 -22.64 18.99 16.39
CA PRO A 44 -22.71 17.72 17.13
CA PRO A 44 -22.71 17.72 17.14
C PRO A 44 -23.15 16.56 16.28
C PRO A 44 -23.15 16.56 16.28
N LEU A 45 -23.85 16.82 15.16
CA LEU A 45 -24.27 15.72 14.29
C LEU A 45 -23.07 14.97 13.72
N PHE A 46 -21.92 15.63 13.58
CA PHE A 46 -20.72 14.99 13.07
C PHE A 46 -19.93 14.25 14.14
N GLY A 47 -20.23 14.46 15.41
CA GLY A 47 -19.49 13.80 16.47
C GLY A 47 -19.49 14.65 17.73
N THR A 48 -19.31 13.96 18.87
CA THR A 48 -19.26 14.64 20.17
C THR A 48 -17.82 15.02 20.45
N LEU A 49 -17.52 16.30 20.26
CA LEU A 49 -16.14 16.77 20.28
C LEU A 49 -15.53 16.64 21.68
N VAL A 50 -14.32 16.12 21.72
CA VAL A 50 -13.49 16.10 22.91
C VAL A 50 -12.35 17.09 22.80
N SER A 51 -11.76 17.22 21.61
N SER A 51 -11.77 17.24 21.61
CA SER A 51 -10.66 18.14 21.38
CA SER A 51 -10.57 18.03 21.37
C SER A 51 -10.44 18.24 19.88
C SER A 51 -10.41 18.21 19.87
N SER A 52 -9.81 19.33 19.46
CA SER A 52 -9.56 19.53 18.05
C SER A 52 -8.23 20.24 17.83
N ALA A 53 -7.66 20.00 16.66
CA ALA A 53 -6.50 20.72 16.17
C ALA A 53 -6.92 21.41 14.89
N GLN A 54 -6.59 22.69 14.78
CA GLN A 54 -6.89 23.49 13.59
C GLN A 54 -5.57 23.93 12.97
N PHE A 55 -5.16 23.25 11.89
CA PHE A 55 -4.01 23.67 11.11
C PHE A 55 -4.46 24.72 10.12
N ASN A 56 -3.77 25.86 10.07
CA ASN A 56 -4.17 26.85 9.09
C ASN A 56 -3.09 27.89 8.88
N TYR A 57 -3.41 28.89 8.08
CA TYR A 57 -2.51 30.00 7.81
C TYR A 57 -2.97 31.25 8.54
N CYS A 58 -4.19 31.70 8.28
N CYS A 58 -4.21 31.68 8.31
CA CYS A 58 -4.77 32.85 8.94
CA CYS A 58 -4.77 32.88 8.92
C CYS A 58 -5.87 32.41 9.89
C CYS A 58 -5.94 32.51 9.82
N PHE A 59 -5.98 33.10 11.01
CA PHE A 59 -6.99 32.79 12.03
C PHE A 59 -7.63 34.06 12.55
N ASP A 60 -8.95 34.02 12.74
CA ASP A 60 -9.69 35.02 13.51
C ASP A 60 -10.23 34.20 14.66
N VAL A 61 -9.60 34.33 15.82
CA VAL A 61 -9.88 33.35 16.87
C VAL A 61 -11.27 33.58 17.46
N ASP A 62 -11.66 34.85 17.65
CA ASP A 62 -13.02 35.15 18.13
C ASP A 62 -14.06 34.51 17.21
N TRP A 63 -13.90 34.70 15.91
CA TRP A 63 -14.80 34.08 14.94
C TRP A 63 -14.72 32.57 15.03
N LEU A 64 -13.51 32.03 15.10
CA LEU A 64 -13.35 30.57 15.08
C LEU A 64 -14.12 29.90 16.21
N VAL A 65 -13.98 30.41 17.43
CA VAL A 65 -14.62 29.78 18.59
C VAL A 65 -16.14 29.84 18.44
N LYS A 66 -16.67 30.93 17.88
CA LYS A 66 -18.10 31.02 17.66
C LYS A 66 -18.61 30.02 16.64
N GLN A 67 -17.75 29.44 15.78
CA GLN A 67 -18.19 28.44 14.84
C GLN A 67 -18.37 27.06 15.47
N TYR A 68 -17.77 26.84 16.63
CA TYR A 68 -18.03 25.61 17.37
C TYR A 68 -19.40 25.70 18.04
N PRO A 69 -20.08 24.57 18.22
CA PRO A 69 -21.34 24.58 18.96
C PRO A 69 -21.09 25.12 20.37
N PRO A 70 -22.06 25.86 20.93
CA PRO A 70 -21.88 26.38 22.30
C PRO A 70 -21.38 25.33 23.29
N GLU A 71 -21.96 24.13 23.26
CA GLU A 71 -21.58 23.08 24.21
C GLU A 71 -20.16 22.59 24.01
N PHE A 72 -19.52 22.87 22.88
CA PHE A 72 -18.16 22.41 22.64
C PHE A 72 -17.13 23.53 22.72
N ARG A 73 -17.54 24.75 23.08
CA ARG A 73 -16.64 25.88 22.90
C ARG A 73 -15.50 25.93 23.91
N LYS A 74 -15.57 25.15 24.99
CA LYS A 74 -14.49 25.13 25.95
C LYS A 74 -13.63 23.89 25.84
N LYS A 75 -13.90 23.02 24.87
CA LYS A 75 -13.04 21.86 24.65
C LYS A 75 -11.68 22.32 24.13
N PRO A 76 -10.61 21.58 24.44
CA PRO A 76 -9.28 21.99 23.98
C PRO A 76 -9.21 22.19 22.47
N ILE A 77 -8.56 23.28 22.06
CA ILE A 77 -8.27 23.59 20.66
C ILE A 77 -6.78 23.87 20.53
N LEU A 78 -6.14 23.23 19.57
CA LEU A 78 -4.75 23.50 19.21
C LEU A 78 -4.75 24.24 17.88
N LEU A 79 -4.13 25.42 17.84
CA LEU A 79 -3.94 26.17 16.60
C LEU A 79 -2.52 25.92 16.09
N VAL A 80 -2.40 25.33 14.90
CA VAL A 80 -1.10 25.05 14.29
C VAL A 80 -0.88 26.09 13.21
N HIS A 81 0.14 26.92 13.37
CA HIS A 81 0.33 28.09 12.51
C HIS A 81 1.80 28.21 12.16
N GLY A 82 2.11 29.17 11.29
CA GLY A 82 3.50 29.45 10.96
C GLY A 82 4.03 30.83 11.32
N ASP A 83 3.28 31.59 12.12
CA ASP A 83 3.62 33.00 12.36
C ASP A 83 4.85 33.15 13.25
N LYS A 84 5.61 34.22 13.01
CA LYS A 84 6.79 34.57 13.79
C LYS A 84 6.68 36.03 14.21
N ARG A 85 7.52 36.39 15.19
CA ARG A 85 7.79 37.79 15.56
C ARG A 85 6.46 38.48 15.90
N GLU A 86 6.16 39.65 15.32
CA GLU A 86 4.97 40.39 15.72
C GLU A 86 3.69 39.67 15.34
N ALA A 87 3.68 39.04 14.15
CA ALA A 87 2.52 38.27 13.75
C ALA A 87 2.20 37.18 14.77
N LYS A 88 3.23 36.49 15.26
CA LYS A 88 3.01 35.46 16.28
C LYS A 88 2.46 36.08 17.56
N ALA A 89 3.02 37.22 17.98
CA ALA A 89 2.50 37.90 19.16
C ALA A 89 1.03 38.25 19.00
N HIS A 90 0.63 38.69 17.79
CA HIS A 90 -0.77 39.02 17.57
C HIS A 90 -1.65 37.80 17.72
N LEU A 91 -1.18 36.64 17.24
CA LEU A 91 -2.01 35.45 17.32
C LEU A 91 -2.17 34.99 18.75
N HIS A 92 -1.08 35.02 19.53
CA HIS A 92 -1.18 34.70 20.95
C HIS A 92 -2.11 35.66 21.67
N ALA A 93 -2.07 36.94 21.31
CA ALA A 93 -2.97 37.91 21.94
C ALA A 93 -4.42 37.59 21.60
N GLN A 94 -4.68 37.18 20.34
CA GLN A 94 -6.01 36.74 19.95
C GLN A 94 -6.51 35.58 20.79
N ALA A 95 -5.63 34.61 21.08
CA ALA A 95 -6.02 33.39 21.76
C ALA A 95 -6.03 33.51 23.29
N LYS A 96 -5.29 34.47 23.85
CA LYS A 96 -5.18 34.57 25.30
C LYS A 96 -6.51 34.58 26.05
N PRO A 97 -7.59 35.22 25.59
CA PRO A 97 -8.84 35.19 26.37
C PRO A 97 -9.42 33.79 26.54
N TYR A 98 -9.02 32.82 25.72
CA TYR A 98 -9.61 31.47 25.70
C TYR A 98 -8.60 30.50 26.32
N GLU A 99 -8.86 30.11 27.58
CA GLU A 99 -7.90 29.30 28.31
C GLU A 99 -7.75 27.90 27.73
N ASN A 100 -8.70 27.45 26.92
CA ASN A 100 -8.66 26.14 26.29
C ASN A 100 -7.88 26.10 24.98
N ILE A 101 -7.36 27.23 24.52
CA ILE A 101 -6.67 27.28 23.24
C ILE A 101 -5.17 27.22 23.48
N SER A 102 -4.53 26.23 22.85
CA SER A 102 -3.08 26.09 22.78
C SER A 102 -2.60 26.40 21.37
N LEU A 103 -1.31 26.70 21.24
CA LEU A 103 -0.76 27.07 19.94
C LEU A 103 0.50 26.26 19.66
N CYS A 104 0.70 25.90 18.39
CA CYS A 104 1.89 25.21 17.91
C CYS A 104 2.46 26.03 16.76
N GLN A 105 3.68 26.54 16.94
CA GLN A 105 4.31 27.31 15.88
C GLN A 105 5.12 26.34 15.02
N ALA A 106 4.65 26.11 13.79
CA ALA A 106 5.36 25.19 12.91
C ALA A 106 6.69 25.80 12.49
N LYS A 107 7.77 25.03 12.60
CA LYS A 107 9.08 25.56 12.26
C LYS A 107 9.20 25.82 10.76
N LEU A 108 9.76 26.97 10.42
CA LEU A 108 9.90 27.41 9.02
C LEU A 108 11.36 27.84 8.82
N ASP A 109 12.25 26.86 8.70
CA ASP A 109 13.68 27.11 8.72
C ASP A 109 14.25 27.43 7.35
N ILE A 110 13.43 27.44 6.30
CA ILE A 110 13.84 27.87 4.98
C ILE A 110 13.17 29.20 4.68
N ALA A 111 13.95 30.16 4.18
CA ALA A 111 13.42 31.51 3.93
C ALA A 111 12.21 31.46 3.02
N PHE A 112 11.29 32.41 3.23
CA PHE A 112 10.10 32.62 2.41
C PHE A 112 9.15 31.43 2.46
N GLY A 113 9.23 30.64 3.51
CA GLY A 113 8.29 29.55 3.68
C GLY A 113 7.11 29.97 4.52
N THR A 114 6.02 29.23 4.37
CA THR A 114 4.79 29.53 5.07
C THR A 114 4.14 28.24 5.50
N HIS A 115 3.21 28.35 6.44
CA HIS A 115 2.41 27.20 6.87
C HIS A 115 1.03 27.36 6.24
N HIS A 116 0.81 26.72 5.10
CA HIS A 116 -0.44 26.91 4.34
C HIS A 116 -1.45 25.79 4.54
N THR A 117 -1.02 24.64 5.06
CA THR A 117 -1.91 23.49 5.27
C THR A 117 -3.18 23.88 6.02
N LYS A 118 -4.32 23.41 5.49
CA LYS A 118 -5.62 23.63 6.10
C LYS A 118 -6.23 22.28 6.45
N MET A 119 -6.28 21.99 7.74
CA MET A 119 -6.67 20.68 8.21
C MET A 119 -7.26 20.79 9.61
N MET A 120 -8.33 20.04 9.85
CA MET A 120 -8.91 19.88 11.16
C MET A 120 -8.74 18.44 11.59
N LEU A 121 -8.24 18.21 12.81
CA LEU A 121 -8.27 16.91 13.45
C LEU A 121 -9.33 17.02 14.53
N LEU A 122 -10.35 16.18 14.46
CA LEU A 122 -11.53 16.29 15.31
C LEU A 122 -11.66 14.99 16.07
N LEU A 123 -11.32 15.02 17.37
CA LEU A 123 -11.39 13.85 18.24
C LEU A 123 -12.75 13.86 18.93
N TYR A 124 -13.48 12.77 18.78
CA TYR A 124 -14.83 12.63 19.32
C TYR A 124 -14.85 11.57 20.38
N GLU A 125 -15.95 11.56 21.15
CA GLU A 125 -16.23 10.39 21.98
C GLU A 125 -16.40 9.13 21.12
N GLU A 126 -16.88 9.30 19.88
CA GLU A 126 -17.22 8.18 19.00
C GLU A 126 -16.06 7.75 18.09
N GLY A 127 -15.00 8.53 18.01
CA GLY A 127 -13.92 8.20 17.08
C GLY A 127 -13.15 9.45 16.71
N LEU A 128 -12.63 9.46 15.49
CA LEU A 128 -11.76 10.52 15.01
C LEU A 128 -12.16 10.89 13.59
N ARG A 129 -12.12 12.19 13.28
CA ARG A 129 -12.34 12.64 11.91
C ARG A 129 -11.21 13.56 11.48
N VAL A 130 -10.82 13.45 10.22
CA VAL A 130 -9.80 14.30 9.59
C VAL A 130 -10.50 15.08 8.49
N VAL A 131 -10.30 16.41 8.48
CA VAL A 131 -10.85 17.29 7.45
C VAL A 131 -9.69 18.03 6.80
N ILE A 132 -9.51 17.83 5.50
CA ILE A 132 -8.47 18.53 4.74
C ILE A 132 -9.18 19.44 3.75
N HIS A 133 -8.87 20.74 3.81
CA HIS A 133 -9.70 21.71 3.09
C HIS A 133 -8.81 22.87 2.63
N THR A 134 -9.44 23.95 2.15
CA THR A 134 -8.70 25.03 1.52
C THR A 134 -8.95 26.41 2.14
N SER A 135 -9.75 26.51 3.19
CA SER A 135 -10.19 27.80 3.71
C SER A 135 -9.39 28.23 4.94
N ASN A 136 -9.02 29.51 4.96
CA ASN A 136 -8.56 30.14 6.19
C ASN A 136 -9.69 30.21 7.23
N LEU A 137 -9.32 30.36 8.49
CA LEU A 137 -10.29 30.41 9.58
C LEU A 137 -10.68 31.86 9.86
N ILE A 138 -11.23 32.51 8.83
CA ILE A 138 -11.72 33.87 8.90
C ILE A 138 -13.06 33.90 8.16
N HIS A 139 -13.93 34.83 8.58
CA HIS A 139 -15.28 34.92 8.01
C HIS A 139 -15.28 34.94 6.49
N ALA A 140 -14.41 35.77 5.88
CA ALA A 140 -14.53 35.98 4.44
C ALA A 140 -14.19 34.72 3.65
N ASP A 141 -13.36 33.83 4.20
CA ASP A 141 -13.01 32.64 3.43
C ASP A 141 -14.17 31.66 3.30
N TRP A 142 -15.19 31.76 4.15
CA TRP A 142 -16.31 30.84 4.14
C TRP A 142 -17.59 31.54 3.69
N HIS A 143 -17.49 32.78 3.22
CA HIS A 143 -18.69 33.59 2.97
C HIS A 143 -19.08 33.48 1.50
N GLN A 144 -18.24 34.00 0.59
CA GLN A 144 -18.63 33.98 -0.82
C GLN A 144 -17.51 33.47 -1.74
N LYS A 145 -16.69 32.55 -1.25
CA LYS A 145 -15.61 32.00 -2.05
C LYS A 145 -15.94 30.57 -2.46
N THR A 146 -15.32 30.11 -3.54
CA THR A 146 -15.32 28.69 -3.86
C THR A 146 -14.15 28.06 -3.12
N GLN A 147 -14.46 27.13 -2.21
CA GLN A 147 -13.48 26.43 -1.37
C GLN A 147 -13.83 24.95 -1.38
N GLY A 148 -12.82 24.09 -1.19
CA GLY A 148 -13.02 22.66 -1.23
C GLY A 148 -12.75 22.01 0.12
N ILE A 149 -13.45 20.91 0.38
CA ILE A 149 -13.36 20.17 1.64
C ILE A 149 -13.33 18.69 1.31
N TRP A 150 -12.40 17.95 1.93
CA TRP A 150 -12.49 16.49 1.99
C TRP A 150 -12.80 16.09 3.42
N LEU A 151 -13.88 15.33 3.59
CA LEU A 151 -14.31 14.82 4.89
C LEU A 151 -13.93 13.36 5.00
N SER A 152 -13.08 13.02 5.99
CA SER A 152 -12.79 11.61 6.21
C SER A 152 -14.02 10.91 6.77
N PRO A 153 -14.06 9.58 6.72
CA PRO A 153 -15.04 8.82 7.50
C PRO A 153 -14.82 9.07 8.99
N LEU A 154 -15.84 8.72 9.77
CA LEU A 154 -15.67 8.61 11.21
C LEU A 154 -14.81 7.38 11.50
N TYR A 155 -13.58 7.61 11.94
CA TYR A 155 -12.67 6.51 12.23
C TYR A 155 -12.89 5.99 13.63
N PRO A 156 -13.23 4.71 13.83
CA PRO A 156 -13.44 4.19 15.18
C PRO A 156 -12.12 3.94 15.88
N ARG A 157 -12.20 3.87 17.21
CA ARG A 157 -11.02 3.55 18.00
C ARG A 157 -10.72 2.06 17.90
N ILE A 158 -9.43 1.73 17.84
CA ILE A 158 -8.99 0.34 17.98
C ILE A 158 -9.05 -0.04 19.46
N ALA A 159 -9.67 -1.19 19.74
CA ALA A 159 -9.89 -1.63 21.12
C ALA A 159 -8.59 -1.78 21.89
N ASP A 160 -8.68 -1.51 23.20
CA ASP A 160 -7.61 -1.84 24.14
C ASP A 160 -7.14 -3.27 23.93
N GLY A 161 -5.82 -3.45 23.86
CA GLY A 161 -5.23 -4.77 23.69
C GLY A 161 -5.27 -5.35 22.29
N THR A 162 -6.08 -4.78 21.39
CA THR A 162 -6.10 -5.22 20.00
C THR A 162 -4.86 -4.70 19.28
N HIS A 163 -4.16 -5.60 18.58
CA HIS A 163 -3.03 -5.24 17.72
C HIS A 163 -3.48 -5.37 16.26
N LYS A 164 -3.73 -4.22 15.64
CA LYS A 164 -3.97 -4.18 14.20
C LYS A 164 -3.41 -2.86 13.68
N SER A 165 -3.16 -2.81 12.37
CA SER A 165 -2.56 -1.59 11.84
C SER A 165 -3.55 -0.45 11.81
N GLY A 166 -4.83 -0.73 11.51
CA GLY A 166 -5.73 0.37 11.18
C GLY A 166 -5.38 1.10 9.90
N GLU A 167 -4.59 0.48 9.04
CA GLU A 167 -4.08 1.14 7.85
C GLU A 167 -5.00 0.89 6.65
N SER A 168 -5.02 1.85 5.69
N SER A 168 -5.02 1.83 5.71
CA SER A 168 -5.83 1.75 4.50
CA SER A 168 -5.83 1.76 4.50
C SER A 168 -5.02 1.24 3.32
C SER A 168 -5.02 1.23 3.33
N PRO A 169 -5.67 0.77 2.26
CA PRO A 169 -4.91 0.41 1.05
C PRO A 169 -4.13 1.59 0.48
N THR A 170 -4.50 2.82 0.81
CA THR A 170 -3.75 3.99 0.35
C THR A 170 -2.67 4.44 1.31
N HIS A 171 -2.44 3.72 2.42
CA HIS A 171 -1.36 4.04 3.35
C HIS A 171 -1.60 5.38 4.06
N PHE A 172 -2.85 5.84 4.09
CA PHE A 172 -3.14 7.18 4.60
C PHE A 172 -2.76 7.34 6.07
N LYS A 173 -2.91 6.30 6.87
CA LYS A 173 -2.65 6.48 8.30
C LYS A 173 -1.17 6.74 8.55
N ALA A 174 -0.32 5.88 8.01
CA ALA A 174 1.12 6.08 8.13
C ALA A 174 1.55 7.39 7.48
N ASP A 175 0.93 7.73 6.34
CA ASP A 175 1.32 8.95 5.64
C ASP A 175 0.92 10.20 6.42
N LEU A 176 -0.26 10.21 7.03
CA LEU A 176 -0.64 11.35 7.87
C LEU A 176 0.27 11.46 9.09
N ILE A 177 0.60 10.33 9.71
CA ILE A 177 1.53 10.37 10.83
C ILE A 177 2.87 10.92 10.38
N SER A 178 3.34 10.49 9.21
N SER A 178 3.34 10.50 9.21
CA SER A 178 4.61 10.98 8.68
CA SER A 178 4.63 11.00 8.73
C SER A 178 4.56 12.49 8.46
C SER A 178 4.57 12.50 8.45
N TYR A 179 3.45 12.98 7.94
CA TYR A 179 3.28 14.42 7.74
C TYR A 179 3.40 15.17 9.08
N LEU A 180 2.70 14.69 10.10
CA LEU A 180 2.78 15.30 11.43
C LEU A 180 4.17 15.18 12.05
N MET A 181 4.85 14.05 11.84
N MET A 181 4.85 14.05 11.84
CA MET A 181 6.17 13.87 12.43
CA MET A 181 6.17 13.88 12.43
C MET A 181 7.15 14.93 11.94
C MET A 181 7.14 14.95 11.95
N ALA A 182 6.93 15.46 10.73
CA ALA A 182 7.87 16.42 10.18
C ALA A 182 7.91 17.72 10.98
N TYR A 183 6.84 18.04 11.73
CA TYR A 183 6.83 19.24 12.54
C TYR A 183 7.77 19.12 13.74
N ASN A 184 8.01 17.90 14.20
CA ASN A 184 8.82 17.67 15.38
C ASN A 184 8.29 18.45 16.57
N ALA A 185 6.97 18.41 16.78
CA ALA A 185 6.31 19.29 17.73
C ALA A 185 5.64 18.46 18.82
N PRO A 186 5.83 18.80 20.11
CA PRO A 186 5.23 17.97 21.17
C PRO A 186 3.72 17.93 21.13
N SER A 187 3.07 19.05 20.82
CA SER A 187 1.60 19.02 20.76
C SER A 187 1.12 18.12 19.63
N LEU A 188 1.92 17.96 18.58
CA LEU A 188 1.50 17.12 17.48
C LEU A 188 1.87 15.65 17.70
N LYS A 189 2.91 15.37 18.52
CA LYS A 189 3.11 13.98 18.93
C LYS A 189 1.88 13.45 19.67
N GLU A 190 1.20 14.32 20.45
CA GLU A 190 -0.03 13.86 21.10
C GLU A 190 -1.08 13.46 20.07
N TRP A 191 -1.22 14.23 19.00
CA TRP A 191 -2.19 13.87 17.96
C TRP A 191 -1.74 12.64 17.18
N ILE A 192 -0.44 12.47 16.99
CA ILE A 192 0.05 11.23 16.37
C ILE A 192 -0.37 10.02 17.20
N ASP A 193 -0.27 10.13 18.52
CA ASP A 193 -0.67 9.00 19.36
C ASP A 193 -2.17 8.74 19.31
N VAL A 194 -2.97 9.81 19.17
CA VAL A 194 -4.40 9.66 18.94
C VAL A 194 -4.66 8.90 17.65
N ILE A 195 -3.97 9.30 16.59
CA ILE A 195 -4.20 8.67 15.29
C ILE A 195 -3.81 7.19 15.36
N HIS A 196 -2.71 6.88 16.07
CA HIS A 196 -2.29 5.48 16.24
C HIS A 196 -3.42 4.62 16.80
N LYS A 197 -4.24 5.19 17.68
CA LYS A 197 -5.28 4.46 18.39
C LYS A 197 -6.55 4.26 17.57
N HIS A 198 -6.63 4.80 16.37
CA HIS A 198 -7.84 4.72 15.57
C HIS A 198 -7.61 3.91 14.30
N ASP A 199 -8.71 3.40 13.77
CA ASP A 199 -8.73 2.56 12.57
C ASP A 199 -9.08 3.46 11.39
N LEU A 200 -8.10 3.73 10.53
CA LEU A 200 -8.27 4.59 9.36
C LEU A 200 -8.36 3.78 8.06
N SER A 201 -8.67 2.48 8.17
CA SER A 201 -8.58 1.57 7.04
C SER A 201 -9.57 1.88 5.93
N GLU A 202 -10.67 2.58 6.22
CA GLU A 202 -11.65 2.87 5.19
C GLU A 202 -11.22 4.01 4.27
N THR A 203 -10.08 4.65 4.51
CA THR A 203 -9.70 5.83 3.74
C THR A 203 -9.36 5.43 2.30
N ASN A 204 -9.97 6.12 1.33
N ASN A 204 -9.94 6.12 1.33
CA ASN A 204 -9.78 5.79 -0.08
CA ASN A 204 -9.69 5.77 -0.06
C ASN A 204 -9.03 6.88 -0.85
C ASN A 204 -9.13 6.95 -0.86
N VAL A 205 -8.50 7.89 -0.17
CA VAL A 205 -7.69 8.93 -0.80
C VAL A 205 -6.23 8.75 -0.39
N TYR A 206 -5.34 9.26 -1.23
CA TYR A 206 -3.91 9.36 -0.91
C TYR A 206 -3.57 10.75 -0.40
N LEU A 207 -2.76 10.80 0.65
CA LEU A 207 -2.27 12.06 1.17
C LEU A 207 -1.13 12.60 0.31
N ILE A 208 -1.19 13.89 -0.05
CA ILE A 208 -0.07 14.54 -0.74
C ILE A 208 0.28 15.79 0.07
N GLY A 209 1.38 15.70 0.83
CA GLY A 209 1.84 16.84 1.59
C GLY A 209 3.13 17.45 1.10
N SER A 210 3.34 18.70 1.50
CA SER A 210 4.64 19.35 1.43
C SER A 210 5.03 19.76 2.84
N THR A 211 6.33 19.67 3.12
N THR A 211 6.31 19.60 3.17
CA THR A 211 6.90 20.14 4.37
CA THR A 211 6.90 20.13 4.38
C THR A 211 8.26 20.73 4.06
C THR A 211 8.22 20.79 4.01
N PRO A 212 8.68 21.77 4.79
CA PRO A 212 9.92 22.47 4.42
C PRO A 212 11.13 21.56 4.55
N GLY A 213 12.02 21.63 3.58
CA GLY A 213 13.27 20.92 3.71
C GLY A 213 13.94 20.68 2.37
N ARG A 214 15.05 19.94 2.44
N ARG A 214 15.02 19.90 2.43
CA ARG A 214 15.81 19.54 1.28
CA ARG A 214 15.81 19.55 1.26
C ARG A 214 15.85 18.01 1.30
C ARG A 214 15.94 18.03 1.22
N PHE A 215 15.18 17.39 0.34
CA PHE A 215 14.98 15.95 0.36
C PHE A 215 15.78 15.26 -0.74
N GLN A 216 16.59 14.29 -0.34
CA GLN A 216 17.44 13.52 -1.24
C GLN A 216 17.12 12.04 -1.13
N GLY A 217 17.62 11.27 -2.09
CA GLY A 217 17.53 9.82 -2.00
C GLY A 217 16.08 9.38 -1.95
N SER A 218 15.77 8.47 -1.03
CA SER A 218 14.42 7.95 -0.94
C SER A 218 13.43 9.05 -0.54
N GLN A 219 13.84 9.91 0.41
CA GLN A 219 12.95 10.96 0.91
C GLN A 219 12.45 11.89 -0.18
N LYS A 220 13.13 11.91 -1.34
CA LYS A 220 12.68 12.65 -2.51
C LYS A 220 11.21 12.42 -2.83
N ASP A 221 10.76 11.18 -2.75
CA ASP A 221 9.39 10.86 -3.17
C ASP A 221 8.35 11.12 -2.08
N ASN A 222 8.76 11.60 -0.91
CA ASN A 222 7.80 11.78 0.18
C ASN A 222 6.91 13.00 0.03
N TRP A 223 7.34 14.03 -0.70
CA TRP A 223 6.66 15.32 -0.61
C TRP A 223 6.48 15.99 -1.98
N GLY A 224 5.54 16.93 -2.04
CA GLY A 224 5.48 17.85 -3.18
C GLY A 224 5.21 17.14 -4.50
N HIS A 225 5.76 17.70 -5.58
CA HIS A 225 5.35 17.14 -6.86
C HIS A 225 6.00 15.77 -7.12
N PHE A 226 7.10 15.45 -6.44
CA PHE A 226 7.66 14.10 -6.55
C PHE A 226 6.77 13.07 -5.84
N ARG A 227 6.10 13.47 -4.76
CA ARG A 227 5.10 12.60 -4.14
C ARG A 227 3.98 12.30 -5.11
N LEU A 228 3.47 13.33 -5.77
CA LEU A 228 2.42 13.12 -6.78
C LEU A 228 2.92 12.20 -7.89
N LYS A 229 4.13 12.47 -8.40
CA LYS A 229 4.70 11.64 -9.44
C LYS A 229 4.78 10.18 -9.00
N LYS A 230 5.26 9.94 -7.77
CA LYS A 230 5.40 8.57 -7.29
C LYS A 230 4.05 7.86 -7.26
N LEU A 231 3.01 8.54 -6.74
CA LEU A 231 1.68 7.93 -6.64
C LEU A 231 1.10 7.63 -8.01
N LEU A 232 1.28 8.55 -8.97
CA LEU A 232 0.77 8.33 -10.31
C LEU A 232 1.52 7.22 -11.02
N LYS A 233 2.82 7.12 -10.76
CA LYS A 233 3.60 6.01 -11.32
C LYS A 233 3.11 4.68 -10.77
N ASP A 234 2.86 4.62 -9.46
CA ASP A 234 2.58 3.36 -8.78
C ASP A 234 1.11 2.93 -8.82
N HIS A 235 0.17 3.88 -8.94
CA HIS A 235 -1.23 3.57 -8.74
C HIS A 235 -2.16 4.11 -9.83
N ALA A 236 -1.62 4.64 -10.91
CA ALA A 236 -2.39 4.93 -12.11
C ALA A 236 -1.79 4.15 -13.28
N SER A 237 -2.59 3.96 -14.33
CA SER A 237 -2.16 3.26 -15.52
C SER A 237 -2.18 4.20 -16.72
N SER A 238 -1.17 4.08 -17.58
CA SER A 238 -1.15 4.90 -18.77
C SER A 238 -2.07 4.30 -19.82
N MET A 239 -2.71 5.16 -20.59
CA MET A 239 -3.62 4.73 -21.63
C MET A 239 -3.07 5.12 -23.00
N PRO A 240 -3.55 4.49 -24.06
CA PRO A 240 -3.20 4.99 -25.40
C PRO A 240 -3.69 6.41 -25.56
N ASN A 241 -2.97 7.17 -26.39
CA ASN A 241 -3.27 8.57 -26.64
C ASN A 241 -3.15 9.41 -25.36
N ALA A 242 -2.43 8.89 -24.35
CA ALA A 242 -2.22 9.62 -23.10
C ALA A 242 -1.65 11.02 -23.34
N GLU A 243 -0.84 11.19 -24.38
CA GLU A 243 -0.32 12.52 -24.70
C GLU A 243 -1.44 13.50 -25.02
N SER A 244 -2.63 12.99 -25.35
CA SER A 244 -3.76 13.85 -25.65
C SER A 244 -4.57 14.21 -24.42
N TRP A 245 -4.32 13.58 -23.27
CA TRP A 245 -5.06 13.91 -22.06
C TRP A 245 -4.45 15.14 -21.42
N PRO A 246 -5.18 16.26 -21.36
CA PRO A 246 -4.61 17.49 -20.82
C PRO A 246 -4.32 17.39 -19.33
N VAL A 247 -3.56 18.37 -18.86
CA VAL A 247 -3.38 18.62 -17.42
C VAL A 247 -4.08 19.94 -17.10
N VAL A 248 -4.80 19.98 -15.99
CA VAL A 248 -5.47 21.21 -15.56
C VAL A 248 -4.98 21.58 -14.18
N GLY A 249 -4.54 22.82 -14.01
CA GLY A 249 -4.18 23.34 -12.70
C GLY A 249 -5.02 24.57 -12.42
N GLN A 250 -5.51 24.68 -11.19
CA GLN A 250 -6.49 25.70 -10.83
C GLN A 250 -6.11 26.21 -9.45
N PHE A 251 -5.87 27.52 -9.30
CA PHE A 251 -5.17 28.01 -8.12
C PHE A 251 -5.58 29.46 -7.86
N SER A 252 -5.17 29.97 -6.69
CA SER A 252 -5.50 31.34 -6.31
C SER A 252 -4.28 32.23 -6.19
N SER A 253 -3.07 31.69 -6.37
CA SER A 253 -1.88 32.53 -6.37
C SER A 253 -0.82 31.86 -7.23
N VAL A 254 0.13 32.67 -7.70
CA VAL A 254 1.20 32.21 -8.57
C VAL A 254 2.52 32.72 -8.01
N GLY A 255 3.51 31.84 -7.89
CA GLY A 255 4.84 32.26 -7.48
C GLY A 255 5.67 32.66 -8.69
N SER A 256 6.91 33.01 -8.42
N SER A 256 6.92 33.02 -8.42
CA SER A 256 7.88 33.32 -9.48
CA SER A 256 7.88 33.32 -9.47
C SER A 256 8.35 32.01 -10.08
C SER A 256 8.34 31.99 -10.08
N LEU A 257 7.98 31.74 -11.34
CA LEU A 257 8.27 30.46 -11.96
C LEU A 257 9.49 30.48 -12.87
N GLY A 258 10.09 31.64 -13.08
CA GLY A 258 11.26 31.74 -13.93
C GLY A 258 10.96 32.46 -15.23
N ALA A 259 12.04 32.70 -15.98
CA ALA A 259 11.98 33.54 -17.16
C ALA A 259 11.29 32.89 -18.34
N ASP A 260 11.04 31.58 -18.31
CA ASP A 260 10.31 30.91 -19.37
C ASP A 260 9.80 29.57 -18.85
N GLU A 261 8.95 28.92 -19.65
CA GLU A 261 8.30 27.71 -19.19
C GLU A 261 9.27 26.55 -18.97
N SER A 262 10.47 26.59 -19.56
CA SER A 262 11.41 25.49 -19.40
C SER A 262 12.08 25.48 -18.02
N LYS A 263 12.00 26.59 -17.27
CA LYS A 263 12.74 26.69 -16.02
C LYS A 263 12.15 25.80 -14.93
N TRP A 264 10.83 25.71 -14.87
CA TRP A 264 10.20 24.90 -13.84
C TRP A 264 8.83 24.39 -14.26
N LEU A 265 8.01 25.24 -14.88
CA LEU A 265 6.61 24.89 -15.10
C LEU A 265 6.47 23.68 -16.00
N CYS A 266 7.08 23.72 -17.17
CA CYS A 266 6.96 22.63 -18.12
C CYS A 266 8.09 21.61 -18.01
N SER A 267 9.16 21.93 -17.27
CA SER A 267 10.20 20.92 -17.08
C SER A 267 9.73 19.99 -15.97
N GLU A 268 10.06 20.28 -14.71
CA GLU A 268 9.80 19.29 -13.68
C GLU A 268 8.33 19.25 -13.25
N PHE A 269 7.65 20.40 -13.14
CA PHE A 269 6.27 20.39 -12.63
C PHE A 269 5.32 19.63 -13.56
N LYS A 270 5.24 20.06 -14.82
CA LYS A 270 4.38 19.36 -15.78
C LYS A 270 4.79 17.90 -15.91
N GLU A 271 6.10 17.63 -15.86
CA GLU A 271 6.59 16.25 -15.99
C GLU A 271 6.04 15.36 -14.89
N SER A 272 6.01 15.85 -13.64
CA SER A 272 5.39 15.07 -12.58
C SER A 272 3.90 14.90 -12.84
N MET A 273 3.22 15.96 -13.24
N MET A 273 3.24 15.98 -13.24
CA MET A 273 1.77 15.86 -13.41
CA MET A 273 1.79 15.96 -13.38
C MET A 273 1.37 15.05 -14.63
C MET A 273 1.32 15.03 -14.50
N LEU A 274 2.26 14.86 -15.61
N LEU A 274 2.14 14.84 -15.53
CA LEU A 274 1.96 14.03 -16.76
CA LEU A 274 1.76 14.01 -16.67
C LEU A 274 2.10 12.55 -16.48
C LEU A 274 2.16 12.55 -16.51
N THR A 275 2.76 12.19 -15.37
CA THR A 275 3.10 10.79 -15.11
C THR A 275 1.86 9.91 -15.03
N LEU A 276 1.91 8.76 -15.69
CA LEU A 276 0.92 7.71 -15.50
C LEU A 276 1.61 6.36 -15.63
N GLY A 277 1.55 5.55 -14.59
CA GLY A 277 2.10 4.21 -14.66
C GLY A 277 3.63 4.19 -14.69
N LYS A 278 4.17 2.99 -14.90
CA LYS A 278 5.58 2.75 -14.64
C LYS A 278 6.46 2.74 -15.89
N GLU A 279 5.88 2.88 -17.09
CA GLU A 279 6.65 2.88 -18.32
C GLU A 279 7.08 4.31 -18.65
N SER A 280 7.71 4.49 -19.81
CA SER A 280 8.17 5.80 -20.25
C SER A 280 7.69 6.12 -21.67
N SER A 286 7.03 17.32 -24.70
CA SER A 286 5.71 16.70 -24.56
C SER A 286 4.59 17.53 -25.18
N SER A 287 3.66 16.83 -25.84
CA SER A 287 2.54 17.43 -26.56
C SER A 287 1.35 17.73 -25.65
N VAL A 288 1.42 17.41 -24.37
CA VAL A 288 0.25 17.40 -23.49
C VAL A 288 -0.23 18.83 -23.22
N PRO A 289 -1.48 19.16 -23.55
CA PRO A 289 -1.98 20.51 -23.27
C PRO A 289 -2.01 20.79 -21.78
N LEU A 290 -1.68 22.03 -21.42
CA LEU A 290 -1.68 22.45 -20.02
C LEU A 290 -2.61 23.64 -19.89
N TYR A 291 -3.70 23.48 -19.12
CA TYR A 291 -4.67 24.53 -18.87
C TYR A 291 -4.47 25.04 -17.45
N LEU A 292 -4.21 26.33 -17.28
CA LEU A 292 -4.12 26.94 -15.95
C LEU A 292 -5.33 27.84 -15.76
N ILE A 293 -6.05 27.64 -14.66
CA ILE A 293 -7.27 28.40 -14.37
C ILE A 293 -6.98 29.37 -13.25
N TYR A 294 -7.13 30.67 -13.53
CA TYR A 294 -6.87 31.72 -12.56
C TYR A 294 -7.75 32.92 -12.88
N PRO A 295 -8.39 33.53 -11.88
CA PRO A 295 -9.37 34.61 -12.14
C PRO A 295 -8.78 35.77 -12.92
N SER A 296 -9.51 36.19 -13.96
CA SER A 296 -9.21 37.44 -14.66
C SER A 296 -9.67 38.63 -13.82
N VAL A 297 -9.24 39.83 -14.23
CA VAL A 297 -9.73 41.04 -13.57
C VAL A 297 -11.25 41.11 -13.67
N GLU A 298 -11.80 40.77 -14.83
N GLU A 298 -11.81 40.77 -14.82
CA GLU A 298 -13.25 40.82 -14.98
CA GLU A 298 -13.26 40.82 -14.98
C GLU A 298 -13.95 39.80 -14.08
C GLU A 298 -13.95 39.80 -14.08
N ASN A 299 -13.36 38.61 -13.92
CA ASN A 299 -13.90 37.63 -12.97
C ASN A 299 -14.04 38.25 -11.59
N VAL A 300 -12.98 38.94 -11.15
CA VAL A 300 -12.97 39.51 -9.81
C VAL A 300 -13.94 40.67 -9.71
N ARG A 301 -13.92 41.57 -10.71
CA ARG A 301 -14.77 42.76 -10.67
C ARG A 301 -16.24 42.39 -10.54
N THR A 302 -16.70 41.41 -11.31
CA THR A 302 -18.10 41.05 -11.33
C THR A 302 -18.45 40.00 -10.29
N SER A 303 -17.52 39.68 -9.40
CA SER A 303 -17.75 38.64 -8.40
C SER A 303 -18.71 39.14 -7.31
N LEU A 304 -19.20 38.18 -6.51
CA LEU A 304 -20.08 38.50 -5.40
C LEU A 304 -19.43 39.51 -4.45
N GLU A 305 -18.13 39.34 -4.18
CA GLU A 305 -17.37 40.23 -3.31
C GLU A 305 -16.91 41.51 -3.99
N GLY A 306 -16.79 41.51 -5.31
CA GLY A 306 -16.22 42.63 -6.02
C GLY A 306 -14.69 42.58 -5.93
N TYR A 307 -14.06 43.73 -6.11
CA TYR A 307 -12.61 43.80 -6.05
C TYR A 307 -12.02 43.26 -4.75
N PRO A 308 -12.66 43.41 -3.58
CA PRO A 308 -12.10 42.81 -2.36
C PRO A 308 -11.82 41.33 -2.46
N ALA A 309 -12.47 40.60 -3.38
CA ALA A 309 -12.10 39.20 -3.56
C ALA A 309 -10.64 39.07 -3.96
N GLY A 310 -10.11 40.09 -4.66
CA GLY A 310 -8.71 40.11 -5.06
C GLY A 310 -7.73 40.24 -3.91
N GLY A 311 -8.21 40.63 -2.73
CA GLY A 311 -7.38 40.61 -1.53
C GLY A 311 -6.92 39.22 -1.17
N SER A 312 -7.60 38.19 -1.66
CA SER A 312 -7.21 36.80 -1.46
C SER A 312 -6.69 36.12 -2.72
N LEU A 313 -6.29 36.92 -3.72
CA LEU A 313 -5.69 36.42 -4.96
C LEU A 313 -4.35 37.15 -5.11
N PRO A 314 -3.34 36.77 -4.31
CA PRO A 314 -2.17 37.65 -4.09
C PRO A 314 -1.08 37.50 -5.16
N TYR A 315 -1.43 37.80 -6.41
CA TYR A 315 -0.46 37.82 -7.50
C TYR A 315 0.06 39.24 -7.67
N SER A 316 1.36 39.44 -7.43
CA SER A 316 1.93 40.77 -7.43
C SER A 316 2.43 41.18 -8.81
N ILE A 317 2.39 42.48 -9.08
CA ILE A 317 2.88 42.98 -10.36
C ILE A 317 4.37 42.69 -10.53
N GLN A 318 5.12 42.72 -9.42
CA GLN A 318 6.57 42.47 -9.50
C GLN A 318 6.86 41.07 -10.00
N THR A 319 6.09 40.09 -9.52
CA THR A 319 6.22 38.73 -10.02
C THR A 319 5.70 38.61 -11.45
N ALA A 320 4.50 39.16 -11.70
CA ALA A 320 3.83 38.93 -12.98
C ALA A 320 4.63 39.50 -14.15
N GLU A 321 5.22 40.70 -13.99
CA GLU A 321 5.92 41.32 -15.10
C GLU A 321 7.18 40.58 -15.49
N LYS A 322 7.66 39.66 -14.66
CA LYS A 322 8.82 38.84 -14.97
C LYS A 322 8.47 37.57 -15.73
N GLN A 323 7.18 37.27 -15.91
CA GLN A 323 6.80 35.98 -16.48
C GLN A 323 5.54 36.15 -17.32
N ASN A 324 5.50 37.17 -18.19
CA ASN A 324 4.33 37.37 -19.02
C ASN A 324 4.06 36.16 -19.92
N TRP A 325 5.10 35.38 -20.24
CA TRP A 325 4.90 34.14 -20.99
C TRP A 325 3.85 33.25 -20.35
N LEU A 326 3.72 33.29 -19.02
CA LEU A 326 2.83 32.39 -18.31
C LEU A 326 1.37 32.65 -18.63
N HIS A 327 1.01 33.90 -18.89
CA HIS A 327 -0.40 34.27 -18.97
C HIS A 327 -1.08 33.72 -20.23
N SER A 328 -0.29 33.30 -21.23
N SER A 328 -0.29 33.30 -21.23
CA SER A 328 -0.88 32.62 -22.39
CA SER A 328 -0.87 32.62 -22.39
C SER A 328 -1.43 31.24 -22.05
C SER A 328 -1.50 31.28 -22.02
N TYR A 329 -1.19 30.74 -20.83
CA TYR A 329 -1.77 29.48 -20.36
C TYR A 329 -3.06 29.70 -19.57
N PHE A 330 -3.44 30.96 -19.32
CA PHE A 330 -4.46 31.26 -18.33
C PHE A 330 -5.85 31.17 -18.93
N HIS A 331 -6.76 30.57 -18.16
CA HIS A 331 -8.15 30.39 -18.50
C HIS A 331 -9.01 30.99 -17.40
N LYS A 332 -10.16 31.53 -17.79
CA LYS A 332 -11.05 32.22 -16.87
C LYS A 332 -11.63 31.27 -15.83
N TRP A 333 -12.02 31.83 -14.69
CA TRP A 333 -12.81 31.05 -13.73
C TRP A 333 -14.26 30.98 -14.20
N SER A 334 -14.80 29.76 -14.27
CA SER A 334 -16.19 29.60 -14.67
C SER A 334 -16.70 28.36 -13.96
N ALA A 335 -17.86 28.47 -13.31
CA ALA A 335 -18.36 27.37 -12.48
C ALA A 335 -19.89 27.33 -12.50
N GLU A 336 -20.48 27.43 -13.70
CA GLU A 336 -21.92 27.26 -13.81
C GLU A 336 -22.37 25.92 -13.24
N THR A 337 -21.54 24.88 -13.40
CA THR A 337 -21.90 23.56 -12.90
C THR A 337 -22.23 23.57 -11.41
N SER A 338 -21.59 24.45 -10.62
CA SER A 338 -21.88 24.53 -9.20
C SER A 338 -22.47 25.89 -8.82
N GLY A 339 -22.95 26.65 -9.80
CA GLY A 339 -23.50 27.97 -9.56
C GLY A 339 -22.53 28.95 -8.93
N ARG A 340 -21.22 28.80 -9.18
CA ARG A 340 -20.20 29.52 -8.45
C ARG A 340 -19.28 30.34 -9.36
N SER A 341 -19.75 30.71 -10.57
CA SER A 341 -18.92 31.56 -11.43
C SER A 341 -18.60 32.90 -10.77
N ASN A 342 -19.47 33.40 -9.89
CA ASN A 342 -19.19 34.67 -9.22
C ASN A 342 -18.67 34.50 -7.79
N ALA A 343 -18.30 33.28 -7.40
CA ALA A 343 -17.71 33.00 -6.09
C ALA A 343 -16.23 32.71 -6.33
N MET A 344 -15.38 33.69 -6.07
CA MET A 344 -13.99 33.57 -6.53
C MET A 344 -13.31 32.38 -5.87
N PRO A 345 -12.43 31.68 -6.60
CA PRO A 345 -11.82 30.46 -6.07
C PRO A 345 -10.72 30.76 -5.07
N HIS A 346 -10.81 30.12 -3.89
CA HIS A 346 -9.66 29.94 -3.03
C HIS A 346 -9.32 28.46 -2.89
N ILE A 347 -10.16 27.58 -3.44
CA ILE A 347 -9.80 26.19 -3.65
C ILE A 347 -8.62 26.12 -4.63
N LYS A 348 -7.78 25.09 -4.49
CA LYS A 348 -6.80 24.73 -5.52
C LYS A 348 -7.04 23.29 -5.91
N THR A 349 -7.03 23.02 -7.21
CA THR A 349 -7.26 21.68 -7.71
C THR A 349 -6.36 21.42 -8.91
N TYR A 350 -6.05 20.14 -9.11
CA TYR A 350 -5.25 19.70 -10.23
C TYR A 350 -5.87 18.40 -10.69
N MET A 351 -5.93 18.18 -12.00
CA MET A 351 -6.58 16.96 -12.48
C MET A 351 -6.12 16.65 -13.89
N ARG A 352 -6.46 15.44 -14.35
CA ARG A 352 -6.01 14.91 -15.65
C ARG A 352 -7.22 14.46 -16.47
N PRO A 353 -7.89 15.39 -17.16
CA PRO A 353 -9.07 15.01 -17.97
C PRO A 353 -8.70 14.31 -19.27
N SER A 354 -9.70 13.61 -19.81
CA SER A 354 -9.57 13.02 -21.14
C SER A 354 -9.62 14.14 -22.19
N PRO A 355 -9.28 13.84 -23.44
CA PRO A 355 -9.26 14.90 -24.46
C PRO A 355 -10.60 15.60 -24.62
N ASP A 356 -11.72 14.93 -24.38
CA ASP A 356 -13.02 15.58 -24.49
C ASP A 356 -13.59 15.97 -23.13
N PHE A 357 -12.77 15.90 -22.08
CA PHE A 357 -13.11 16.36 -20.73
C PHE A 357 -14.30 15.60 -20.12
N SER A 358 -14.64 14.44 -20.65
CA SER A 358 -15.74 13.64 -20.11
C SER A 358 -15.31 12.70 -19.00
N LYS A 359 -14.03 12.38 -18.92
CA LYS A 359 -13.46 11.50 -17.90
C LYS A 359 -12.24 12.19 -17.30
N ILE A 360 -11.82 11.75 -16.10
CA ILE A 360 -10.56 12.20 -15.52
C ILE A 360 -9.79 11.00 -15.00
N ALA A 361 -8.46 11.04 -15.16
CA ALA A 361 -7.60 9.98 -14.66
C ALA A 361 -7.29 10.13 -13.17
N TRP A 362 -7.48 11.32 -12.61
CA TRP A 362 -7.28 11.59 -11.18
C TRP A 362 -7.66 13.03 -10.87
N PHE A 363 -7.87 13.32 -9.59
CA PHE A 363 -8.23 14.66 -9.12
C PHE A 363 -7.56 14.92 -7.78
N LEU A 364 -7.00 16.11 -7.62
CA LEU A 364 -6.34 16.50 -6.38
C LEU A 364 -6.97 17.80 -5.90
N VAL A 365 -7.35 17.87 -4.63
CA VAL A 365 -7.71 19.12 -3.99
C VAL A 365 -6.66 19.38 -2.92
N THR A 366 -6.17 20.62 -2.87
CA THR A 366 -5.01 20.88 -2.03
C THR A 366 -4.96 22.36 -1.64
N SER A 367 -4.09 22.67 -0.68
CA SER A 367 -3.78 24.07 -0.40
C SER A 367 -2.70 24.60 -1.32
N ALA A 368 -2.02 23.75 -2.07
CA ALA A 368 -0.84 24.16 -2.84
C ALA A 368 -1.22 25.02 -4.05
N ASN A 369 -0.74 26.26 -4.07
CA ASN A 369 -0.87 27.13 -5.23
C ASN A 369 0.20 26.77 -6.27
N LEU A 370 0.23 27.52 -7.37
CA LEU A 370 1.18 27.23 -8.45
C LEU A 370 2.49 27.95 -8.12
N SER A 371 3.30 27.32 -7.27
CA SER A 371 4.54 27.94 -6.80
C SER A 371 5.58 26.86 -6.51
N LYS A 372 6.83 27.20 -6.78
CA LYS A 372 7.94 26.34 -6.37
C LYS A 372 7.98 26.15 -4.86
N ALA A 373 7.62 27.19 -4.10
CA ALA A 373 7.62 27.08 -2.64
C ALA A 373 6.71 25.96 -2.17
N ALA A 374 5.56 25.81 -2.83
CA ALA A 374 4.54 24.85 -2.41
C ALA A 374 4.82 23.45 -2.96
N TRP A 375 5.25 23.36 -4.22
CA TRP A 375 5.38 22.07 -4.85
C TRP A 375 6.79 21.50 -4.79
N GLY A 376 7.79 22.33 -4.58
CA GLY A 376 9.17 21.89 -4.56
C GLY A 376 9.88 22.21 -5.86
N ALA A 377 11.18 22.48 -5.75
CA ALA A 377 12.04 22.76 -6.90
C ALA A 377 13.31 21.93 -6.78
N LEU A 378 13.68 21.27 -7.87
CA LEU A 378 14.88 20.43 -7.86
C LEU A 378 16.13 21.28 -7.70
N GLU A 379 17.07 20.79 -6.90
CA GLU A 379 18.36 21.42 -6.65
C GLU A 379 19.44 20.35 -6.75
N LYS A 380 20.69 20.80 -6.76
CA LYS A 380 21.85 19.90 -6.66
C LYS A 380 21.84 18.90 -7.81
N ASN A 381 21.74 19.43 -9.03
CA ASN A 381 21.85 18.61 -10.23
C ASN A 381 20.74 17.57 -10.29
N GLY A 382 19.53 17.97 -9.92
CA GLY A 382 18.37 17.10 -9.95
C GLY A 382 18.30 16.06 -8.85
N THR A 383 19.18 16.11 -7.84
CA THR A 383 19.20 15.09 -6.80
C THR A 383 18.45 15.48 -5.54
N GLN A 384 18.02 16.74 -5.42
CA GLN A 384 17.45 17.21 -4.17
C GLN A 384 16.21 18.05 -4.47
N LEU A 385 15.12 17.76 -3.78
CA LEU A 385 13.88 18.55 -3.91
C LEU A 385 13.78 19.48 -2.71
N MET A 386 13.78 20.78 -2.98
CA MET A 386 13.71 21.77 -1.91
C MET A 386 12.31 22.33 -1.86
N ILE A 387 11.70 22.29 -0.67
CA ILE A 387 10.34 22.77 -0.42
C ILE A 387 10.41 23.79 0.68
N ARG A 388 9.69 24.90 0.51
CA ARG A 388 9.73 25.98 1.49
C ARG A 388 8.59 25.91 2.50
N SER A 389 7.46 25.31 2.14
CA SER A 389 6.21 25.52 2.86
C SER A 389 5.58 24.21 3.30
N TYR A 390 4.63 24.32 4.23
CA TYR A 390 3.71 23.22 4.55
C TYR A 390 2.47 23.36 3.66
N GLU A 391 2.11 22.27 2.99
CA GLU A 391 0.92 22.18 2.15
C GLU A 391 0.31 20.81 2.36
N LEU A 392 -0.98 20.68 2.07
CA LEU A 392 -1.62 19.37 2.21
C LEU A 392 -2.82 19.28 1.27
N GLY A 393 -2.95 18.12 0.61
CA GLY A 393 -4.11 17.85 -0.20
C GLY A 393 -4.39 16.35 -0.20
N VAL A 394 -5.49 15.96 -0.86
CA VAL A 394 -5.80 14.53 -1.01
C VAL A 394 -6.03 14.23 -2.49
N LEU A 395 -5.59 13.06 -2.90
CA LEU A 395 -5.60 12.65 -4.30
C LEU A 395 -6.61 11.53 -4.47
N PHE A 396 -7.51 11.69 -5.44
CA PHE A 396 -8.53 10.70 -5.79
C PHE A 396 -8.04 9.97 -7.02
N LEU A 397 -7.75 8.66 -6.87
CA LEU A 397 -7.29 7.84 -7.98
C LEU A 397 -8.35 6.78 -8.29
N PRO A 398 -8.68 6.58 -9.56
CA PRO A 398 -9.70 5.57 -9.92
C PRO A 398 -9.38 4.21 -9.34
N SER A 399 -8.10 3.81 -9.32
CA SER A 399 -7.76 2.48 -8.80
C SER A 399 -8.18 2.33 -7.34
N ALA A 400 -8.20 3.42 -6.57
CA ALA A 400 -8.58 3.29 -5.15
C ALA A 400 -10.08 3.12 -5.00
N PHE A 401 -10.84 3.23 -6.08
CA PHE A 401 -12.28 2.99 -6.06
C PHE A 401 -12.68 1.83 -6.95
N GLY A 402 -11.72 1.04 -7.43
CA GLY A 402 -12.04 -0.09 -8.27
C GLY A 402 -12.40 0.30 -9.69
N LEU A 403 -11.89 1.44 -10.17
CA LEU A 403 -12.26 2.00 -11.45
C LEU A 403 -11.01 2.26 -12.27
N ASP A 404 -11.19 2.38 -13.59
CA ASP A 404 -10.07 2.77 -14.44
C ASP A 404 -10.05 4.26 -14.71
N SER A 405 -11.19 4.93 -14.60
CA SER A 405 -11.25 6.38 -14.72
C SER A 405 -12.50 6.82 -13.97
N PHE A 406 -12.59 8.13 -13.72
CA PHE A 406 -13.81 8.73 -13.21
C PHE A 406 -14.54 9.42 -14.35
N LYS A 407 -15.85 9.19 -14.44
N LYS A 407 -15.83 9.16 -14.46
CA LYS A 407 -16.69 10.03 -15.28
CA LYS A 407 -16.67 10.05 -15.25
C LYS A 407 -16.95 11.37 -14.58
C LYS A 407 -16.76 11.39 -14.55
N VAL A 408 -16.88 12.45 -15.34
CA VAL A 408 -17.06 13.79 -14.78
C VAL A 408 -18.54 14.03 -14.56
N LYS A 409 -18.90 14.47 -13.36
CA LYS A 409 -20.29 14.79 -13.05
C LYS A 409 -20.73 16.00 -13.87
N GLN A 410 -21.88 15.90 -14.52
CA GLN A 410 -22.26 16.97 -15.45
C GLN A 410 -22.74 18.22 -14.72
N LYS A 411 -23.51 18.06 -13.64
CA LYS A 411 -23.88 19.16 -12.77
C LYS A 411 -23.49 18.79 -11.34
N PHE A 412 -22.74 19.69 -10.67
CA PHE A 412 -22.04 19.34 -9.44
C PHE A 412 -22.99 18.85 -8.36
N PHE A 413 -24.18 19.45 -8.27
CA PHE A 413 -25.12 19.13 -7.19
C PHE A 413 -26.30 18.27 -7.67
N ALA A 414 -26.19 17.61 -8.83
CA ALA A 414 -27.29 16.85 -9.38
C ALA A 414 -27.19 15.37 -8.99
N GLY A 415 -28.14 14.57 -9.46
CA GLY A 415 -28.18 13.15 -9.14
C GLY A 415 -27.80 12.24 -10.30
N SER A 416 -26.52 11.93 -10.40
CA SER A 416 -26.00 11.13 -11.50
C SER A 416 -26.46 9.67 -11.37
N GLN A 417 -26.48 8.98 -12.52
CA GLN A 417 -26.93 7.59 -12.57
C GLN A 417 -25.95 6.63 -11.90
N GLU A 418 -24.75 7.09 -11.56
CA GLU A 418 -23.78 6.25 -10.86
C GLU A 418 -22.89 7.14 -10.02
N PRO A 419 -23.33 7.49 -8.80
CA PRO A 419 -22.54 8.40 -7.96
C PRO A 419 -21.16 7.85 -7.62
N MET A 420 -21.00 6.53 -7.56
CA MET A 420 -19.72 5.94 -7.18
C MET A 420 -18.72 5.88 -8.33
N ALA A 421 -19.14 6.27 -9.53
CA ALA A 421 -18.24 6.33 -10.66
C ALA A 421 -18.05 7.75 -11.18
N THR A 422 -18.73 8.74 -10.59
CA THR A 422 -18.93 10.06 -11.19
C THR A 422 -18.37 11.17 -10.30
N PHE A 423 -17.28 11.80 -10.74
CA PHE A 423 -16.59 12.68 -9.82
C PHE A 423 -17.12 14.12 -9.92
N PRO A 424 -17.38 14.80 -8.79
CA PRO A 424 -17.92 16.18 -8.83
C PRO A 424 -16.84 17.23 -9.04
N VAL A 425 -16.49 17.44 -10.30
CA VAL A 425 -15.61 18.55 -10.65
C VAL A 425 -16.37 19.86 -10.43
N PRO A 426 -15.83 20.80 -9.65
CA PRO A 426 -16.63 21.95 -9.20
C PRO A 426 -16.66 23.15 -10.15
N TYR A 427 -15.91 23.13 -11.25
CA TYR A 427 -15.95 24.20 -12.22
C TYR A 427 -16.11 23.62 -13.63
N ASP A 428 -16.33 24.52 -14.60
CA ASP A 428 -16.76 24.12 -15.94
C ASP A 428 -15.61 23.60 -16.79
N LEU A 429 -15.89 22.56 -17.58
CA LEU A 429 -15.02 22.05 -18.61
C LEU A 429 -15.70 22.14 -19.97
N PRO A 430 -14.95 22.42 -21.05
CA PRO A 430 -13.52 22.74 -21.01
C PRO A 430 -13.29 24.16 -20.46
N PRO A 431 -12.14 24.41 -19.84
CA PRO A 431 -11.84 25.78 -19.40
C PRO A 431 -11.76 26.71 -20.58
N GLU A 432 -12.13 27.97 -20.36
CA GLU A 432 -12.20 28.94 -21.45
C GLU A 432 -10.99 29.87 -21.38
N LEU A 433 -10.28 29.99 -22.49
CA LEU A 433 -9.10 30.85 -22.57
C LEU A 433 -9.46 32.30 -22.28
N TYR A 434 -8.56 33.02 -21.61
CA TYR A 434 -8.70 34.48 -21.54
C TYR A 434 -8.96 35.05 -22.92
N GLY A 435 -9.81 36.09 -22.98
CA GLY A 435 -9.91 36.88 -24.18
C GLY A 435 -8.74 37.85 -24.32
N SER A 436 -8.63 38.45 -25.50
CA SER A 436 -7.49 39.34 -25.74
C SER A 436 -7.51 40.57 -24.84
N LYS A 437 -8.67 40.95 -24.31
CA LYS A 437 -8.80 42.08 -23.40
C LYS A 437 -8.73 41.67 -21.94
N ASP A 438 -8.67 40.37 -21.66
CA ASP A 438 -8.58 39.95 -20.26
C ASP A 438 -7.14 40.05 -19.78
N ARG A 439 -7.00 40.17 -18.46
CA ARG A 439 -5.71 40.22 -17.79
C ARG A 439 -5.82 39.41 -16.51
N PRO A 440 -4.73 38.80 -16.05
CA PRO A 440 -4.82 38.07 -14.78
C PRO A 440 -5.03 39.08 -13.67
N TRP A 441 -5.82 38.68 -12.66
CA TRP A 441 -5.94 39.51 -11.48
C TRP A 441 -4.56 39.70 -10.83
N ILE A 442 -4.14 40.95 -10.70
CA ILE A 442 -2.89 41.31 -10.05
C ILE A 442 -3.26 42.27 -8.92
N TRP A 443 -2.98 41.88 -7.67
CA TRP A 443 -3.68 42.49 -6.55
C TRP A 443 -3.13 43.85 -6.14
N ASN A 444 -1.89 44.20 -6.51
CA ASN A 444 -1.29 45.42 -6.00
C ASN A 444 -1.14 46.50 -7.08
N ILE A 445 -2.06 46.56 -8.03
CA ILE A 445 -2.16 47.68 -8.97
C ILE A 445 -3.61 48.16 -8.98
N PRO A 446 -3.88 49.41 -9.34
CA PRO A 446 -5.26 49.91 -9.28
C PRO A 446 -6.11 49.48 -10.48
N TYR A 447 -7.41 49.37 -10.23
CA TYR A 447 -8.42 49.12 -11.27
C TYR A 447 -9.50 50.16 -11.10
N VAL A 448 -9.54 51.14 -12.00
CA VAL A 448 -10.39 52.30 -11.80
C VAL A 448 -11.18 52.62 -13.05
N LYS A 449 -11.26 51.66 -13.98
CA LYS A 449 -11.97 51.86 -15.24
C LYS A 449 -13.44 51.53 -15.14
N ALA A 450 -13.80 50.54 -14.32
CA ALA A 450 -15.17 50.07 -14.19
C ALA A 450 -15.40 49.63 -12.75
N PRO A 451 -16.53 50.00 -12.16
CA PRO A 451 -16.80 49.65 -10.76
C PRO A 451 -17.20 48.19 -10.58
N ASP A 452 -17.08 47.72 -9.34
CA ASP A 452 -17.40 46.32 -9.05
C ASP A 452 -18.86 46.21 -8.64
N THR A 453 -19.26 45.02 -8.20
CA THR A 453 -20.65 44.75 -7.85
C THR A 453 -21.13 45.51 -6.63
N HIS A 454 -20.22 46.14 -5.87
CA HIS A 454 -20.62 47.00 -4.77
C HIS A 454 -20.45 48.48 -5.08
N GLY A 455 -20.15 48.82 -6.35
CA GLY A 455 -20.01 50.20 -6.75
C GLY A 455 -18.64 50.81 -6.56
N ASN A 456 -17.60 50.01 -6.35
CA ASN A 456 -16.31 50.52 -5.92
C ASN A 456 -15.19 50.23 -6.93
N MET A 457 -14.15 51.06 -6.87
N MET A 457 -14.14 51.05 -6.85
CA MET A 457 -12.91 50.80 -7.59
CA MET A 457 -12.92 50.78 -7.58
C MET A 457 -11.93 50.10 -6.66
C MET A 457 -11.93 50.04 -6.67
N TRP A 458 -10.74 49.78 -7.18
CA TRP A 458 -9.69 49.10 -6.44
C TRP A 458 -8.45 49.99 -6.45
N VAL A 459 -8.09 50.53 -5.29
CA VAL A 459 -6.94 51.43 -5.19
C VAL A 459 -6.07 50.93 -4.04
N PRO A 460 -5.09 50.07 -4.31
CA PRO A 460 -4.39 49.37 -3.22
C PRO A 460 -3.33 50.20 -2.52
N SER A 461 -2.59 49.55 -1.63
CA SER A 461 -1.48 50.14 -0.88
C SER A 461 -1.91 51.33 -0.02
N ASN B 15 -5.01 -18.18 17.29
CA ASN B 15 -4.26 -18.10 16.03
C ASN B 15 -4.66 -16.89 15.19
N PRO B 16 -4.34 -15.68 15.67
CA PRO B 16 -4.70 -14.46 14.90
C PRO B 16 -3.85 -14.23 13.66
N PHE B 17 -2.73 -14.95 13.52
CA PHE B 17 -1.96 -14.91 12.28
C PHE B 17 -2.50 -15.87 11.23
N GLN B 18 -3.35 -16.80 11.64
CA GLN B 18 -3.94 -17.80 10.74
C GLN B 18 -2.86 -18.60 10.03
N PHE B 19 -1.80 -18.91 10.79
CA PHE B 19 -0.72 -19.77 10.33
C PHE B 19 -0.90 -21.12 11.04
N TYR B 20 -0.99 -22.19 10.25
CA TYR B 20 -1.27 -23.52 10.77
C TYR B 20 -0.25 -24.54 10.27
N LEU B 21 -0.09 -25.61 11.03
CA LEU B 21 0.61 -26.81 10.57
C LEU B 21 -0.41 -27.87 10.16
N THR B 22 0.00 -28.75 9.27
CA THR B 22 -0.85 -29.89 8.95
C THR B 22 -0.84 -30.90 10.08
N ARG B 23 -1.92 -31.69 10.15
N ARG B 23 -1.92 -31.69 10.14
CA ARG B 23 -1.99 -32.77 11.12
CA ARG B 23 -2.01 -32.79 11.10
C ARG B 23 -0.91 -33.81 10.84
C ARG B 23 -0.92 -33.82 10.83
N VAL B 24 -0.35 -34.35 11.91
CA VAL B 24 0.67 -35.39 11.83
C VAL B 24 0.13 -36.65 12.50
N SER B 25 0.09 -37.74 11.74
N SER B 25 0.07 -37.74 11.74
CA SER B 25 -0.36 -39.01 12.29
CA SER B 25 -0.37 -39.00 12.29
C SER B 25 0.77 -39.63 13.10
C SER B 25 0.76 -39.62 13.10
N GLY B 26 0.45 -40.04 14.33
CA GLY B 26 1.43 -40.69 15.17
C GLY B 26 2.09 -39.81 16.21
N VAL B 27 1.63 -38.58 16.40
CA VAL B 27 2.03 -37.78 17.55
C VAL B 27 0.83 -37.65 18.48
N LYS B 28 1.11 -37.28 19.73
CA LYS B 28 0.07 -37.13 20.73
C LYS B 28 -1.01 -36.16 20.23
N PRO B 29 -2.27 -36.41 20.57
CA PRO B 29 -3.35 -35.50 20.13
C PRO B 29 -3.09 -34.02 20.43
N LYS B 30 -2.43 -33.70 21.54
CA LYS B 30 -2.21 -32.30 21.89
C LYS B 30 -1.39 -31.58 20.84
N TYR B 31 -0.53 -32.29 20.10
CA TYR B 31 0.22 -31.67 19.01
C TYR B 31 -0.54 -31.59 17.70
N ASN B 32 -1.78 -32.07 17.66
CA ASN B 32 -2.64 -31.81 16.52
C ASN B 32 -3.78 -30.87 16.87
N SER B 33 -3.87 -30.45 18.14
CA SER B 33 -4.79 -29.42 18.57
C SER B 33 -4.48 -28.12 17.85
N GLY B 34 -5.36 -27.69 16.97
CA GLY B 34 -5.08 -26.49 16.20
C GLY B 34 -4.35 -26.74 14.88
N ALA B 35 -4.02 -27.99 14.55
CA ALA B 35 -3.51 -28.31 13.23
C ALA B 35 -4.68 -28.58 12.28
N LEU B 36 -4.39 -28.54 10.97
CA LEU B 36 -5.43 -28.71 9.96
C LEU B 36 -5.07 -29.85 9.01
N HIS B 37 -6.02 -30.75 8.80
CA HIS B 37 -5.97 -31.67 7.66
C HIS B 37 -6.66 -31.03 6.46
N ILE B 38 -6.31 -31.51 5.26
CA ILE B 38 -6.97 -30.99 4.06
C ILE B 38 -8.48 -31.16 4.17
N LYS B 39 -8.94 -32.27 4.76
CA LYS B 39 -10.38 -32.44 4.94
C LYS B 39 -10.98 -31.32 5.79
N ASP B 40 -10.23 -30.81 6.77
CA ASP B 40 -10.72 -29.69 7.56
C ASP B 40 -10.83 -28.45 6.69
N ILE B 41 -9.82 -28.21 5.84
CA ILE B 41 -9.83 -27.01 5.01
C ILE B 41 -11.04 -27.00 4.08
N LEU B 42 -11.40 -28.16 3.53
CA LEU B 42 -12.49 -28.23 2.55
C LEU B 42 -13.86 -28.48 3.17
N SER B 43 -13.92 -28.57 4.50
CA SER B 43 -15.16 -28.89 5.19
C SER B 43 -16.25 -27.87 4.92
N PRO B 44 -17.52 -28.26 4.98
N PRO B 44 -17.52 -28.27 4.97
CA PRO B 44 -18.61 -27.27 4.83
CA PRO B 44 -18.61 -27.27 4.83
C PRO B 44 -18.58 -26.20 5.91
C PRO B 44 -18.58 -26.20 5.91
N LEU B 45 -17.88 -26.44 7.01
CA LEU B 45 -17.72 -25.42 8.05
C LEU B 45 -16.95 -24.22 7.55
N PHE B 46 -16.07 -24.41 6.56
CA PHE B 46 -15.30 -23.30 6.01
C PHE B 46 -16.08 -22.53 4.95
N GLY B 47 -17.21 -23.04 4.47
CA GLY B 47 -18.01 -22.37 3.46
C GLY B 47 -18.71 -23.39 2.57
N THR B 48 -19.76 -22.91 1.87
CA THR B 48 -20.55 -23.74 0.96
C THR B 48 -19.92 -23.68 -0.44
N LEU B 49 -19.14 -24.71 -0.79
CA LEU B 49 -18.23 -24.63 -1.92
C LEU B 49 -18.98 -24.60 -3.24
N VAL B 50 -18.57 -23.69 -4.12
CA VAL B 50 -19.14 -23.55 -5.44
C VAL B 50 -18.16 -24.03 -6.52
N SER B 51 -16.88 -23.70 -6.36
N SER B 51 -16.88 -23.72 -6.35
CA SER B 51 -15.84 -24.15 -7.27
CA SER B 51 -15.83 -24.04 -7.30
C SER B 51 -14.51 -23.93 -6.57
C SER B 51 -14.50 -23.89 -6.58
N SER B 52 -13.46 -24.54 -7.11
CA SER B 52 -12.13 -24.39 -6.54
C SER B 52 -11.05 -24.52 -7.60
N ALA B 53 -9.90 -23.93 -7.30
CA ALA B 53 -8.67 -24.10 -8.06
C ALA B 53 -7.63 -24.66 -7.12
N GLN B 54 -6.91 -25.69 -7.57
CA GLN B 54 -5.83 -26.30 -6.80
C GLN B 54 -4.54 -26.10 -7.59
N PHE B 55 -3.72 -25.13 -7.16
CA PHE B 55 -2.40 -24.97 -7.72
C PHE B 55 -1.47 -25.92 -6.99
N ASN B 56 -0.70 -26.71 -7.72
CA ASN B 56 0.24 -27.58 -7.01
C ASN B 56 1.32 -28.07 -7.95
N TYR B 57 2.18 -28.92 -7.40
CA TYR B 57 3.24 -29.59 -8.15
C TYR B 57 2.84 -31.03 -8.47
N CYS B 58 2.58 -31.82 -7.43
N CYS B 58 2.54 -31.81 -7.43
CA CYS B 58 2.17 -33.20 -7.60
CA CYS B 58 2.20 -33.22 -7.62
C CYS B 58 0.71 -33.36 -7.23
C CYS B 58 0.79 -33.51 -7.12
N PHE B 59 0.03 -34.27 -7.90
CA PHE B 59 -1.39 -34.52 -7.67
C PHE B 59 -1.68 -36.02 -7.66
N ASP B 60 -2.48 -36.46 -6.69
CA ASP B 60 -3.17 -37.76 -6.73
C ASP B 60 -4.65 -37.42 -6.80
N VAL B 61 -5.21 -37.49 -8.00
CA VAL B 61 -6.56 -36.98 -8.21
C VAL B 61 -7.59 -37.81 -7.46
N ASP B 62 -7.47 -39.15 -7.53
CA ASP B 62 -8.37 -40.01 -6.77
C ASP B 62 -8.38 -39.63 -5.30
N TRP B 63 -7.19 -39.51 -4.70
CA TRP B 63 -7.08 -39.09 -3.30
C TRP B 63 -7.66 -37.69 -3.10
N LEU B 64 -7.35 -36.76 -4.00
CA LEU B 64 -7.76 -35.38 -3.82
C LEU B 64 -9.28 -35.25 -3.75
N VAL B 65 -9.99 -35.88 -4.69
CA VAL B 65 -11.44 -35.76 -4.73
C VAL B 65 -12.07 -36.31 -3.44
N LYS B 66 -11.49 -37.37 -2.88
CA LYS B 66 -12.03 -37.91 -1.63
C LYS B 66 -11.75 -37.01 -0.44
N GLN B 67 -10.85 -36.03 -0.56
CA GLN B 67 -10.67 -35.07 0.50
C GLN B 67 -11.78 -34.01 0.51
N TYR B 68 -12.47 -33.81 -0.60
CA TYR B 68 -13.63 -32.93 -0.60
C TYR B 68 -14.79 -33.63 0.10
N PRO B 69 -15.62 -32.89 0.82
CA PRO B 69 -16.84 -33.48 1.37
C PRO B 69 -17.68 -34.06 0.26
N PRO B 70 -18.40 -35.15 0.51
CA PRO B 70 -19.17 -35.80 -0.57
C PRO B 70 -20.07 -34.84 -1.32
N GLU B 71 -20.73 -33.92 -0.61
CA GLU B 71 -21.66 -32.99 -1.25
C GLU B 71 -20.96 -32.03 -2.21
N PHE B 72 -19.65 -31.83 -2.09
CA PHE B 72 -18.92 -30.90 -2.93
C PHE B 72 -18.10 -31.59 -4.01
N ARG B 73 -18.13 -32.92 -4.07
CA ARG B 73 -17.20 -33.62 -4.94
C ARG B 73 -17.49 -33.45 -6.42
N LYS B 74 -18.67 -32.93 -6.78
CA LYS B 74 -19.01 -32.69 -8.17
C LYS B 74 -18.79 -31.23 -8.59
N LYS B 75 -18.43 -30.35 -7.66
CA LYS B 75 -18.19 -28.96 -8.02
C LYS B 75 -16.93 -28.84 -8.88
N PRO B 76 -16.90 -27.88 -9.79
CA PRO B 76 -15.73 -27.71 -10.67
C PRO B 76 -14.44 -27.56 -9.88
N ILE B 77 -13.41 -28.27 -10.33
CA ILE B 77 -12.06 -28.15 -9.80
C ILE B 77 -11.12 -27.87 -10.97
N LEU B 78 -10.28 -26.87 -10.80
CA LEU B 78 -9.23 -26.56 -11.77
C LEU B 78 -7.90 -26.97 -11.16
N LEU B 79 -7.19 -27.86 -11.85
CA LEU B 79 -5.84 -28.25 -11.45
C LEU B 79 -4.83 -27.40 -12.22
N VAL B 80 -4.02 -26.64 -11.50
CA VAL B 80 -2.99 -25.81 -12.09
C VAL B 80 -1.65 -26.47 -11.82
N HIS B 81 -0.98 -26.92 -12.88
CA HIS B 81 0.19 -27.79 -12.79
C HIS B 81 1.23 -27.31 -13.80
N GLY B 82 2.41 -27.94 -13.75
CA GLY B 82 3.48 -27.58 -14.68
C GLY B 82 3.96 -28.71 -15.57
N ASP B 83 3.25 -29.84 -15.52
CA ASP B 83 3.70 -31.05 -16.20
C ASP B 83 3.72 -30.89 -17.72
N LYS B 84 4.64 -31.62 -18.35
CA LYS B 84 4.83 -31.59 -19.80
C LYS B 84 4.85 -33.02 -20.34
N ARG B 85 4.65 -33.12 -21.66
CA ARG B 85 4.84 -34.35 -22.42
C ARG B 85 4.09 -35.53 -21.79
N GLU B 86 4.83 -36.61 -21.46
CA GLU B 86 4.17 -37.81 -20.93
C GLU B 86 3.70 -37.60 -19.49
N ALA B 87 4.39 -36.77 -18.72
CA ALA B 87 3.87 -36.42 -17.40
C ALA B 87 2.51 -35.74 -17.52
N LYS B 88 2.40 -34.78 -18.44
CA LYS B 88 1.12 -34.11 -18.68
C LYS B 88 0.03 -35.10 -19.06
N ALA B 89 0.35 -36.07 -19.93
CA ALA B 89 -0.63 -37.07 -20.31
C ALA B 89 -1.12 -37.87 -19.10
N HIS B 90 -0.20 -38.29 -18.22
CA HIS B 90 -0.60 -39.06 -17.04
C HIS B 90 -1.58 -38.29 -16.17
N LEU B 91 -1.34 -36.99 -15.98
CA LEU B 91 -2.24 -36.21 -15.14
C LEU B 91 -3.63 -36.11 -15.76
N HIS B 92 -3.72 -35.85 -17.06
CA HIS B 92 -5.03 -35.87 -17.73
C HIS B 92 -5.72 -37.22 -17.56
N ALA B 93 -4.96 -38.31 -17.68
CA ALA B 93 -5.55 -39.63 -17.47
C ALA B 93 -6.09 -39.77 -16.05
N GLN B 94 -5.36 -39.24 -15.05
CA GLN B 94 -5.85 -39.25 -13.68
C GLN B 94 -7.20 -38.54 -13.58
N ALA B 95 -7.34 -37.39 -14.22
CA ALA B 95 -8.52 -36.56 -14.07
C ALA B 95 -9.68 -37.02 -14.95
N LYS B 96 -9.42 -37.85 -15.96
CA LYS B 96 -10.46 -38.20 -16.93
C LYS B 96 -11.75 -38.73 -16.32
N PRO B 97 -11.75 -39.58 -15.28
CA PRO B 97 -13.03 -40.06 -14.74
C PRO B 97 -13.89 -38.96 -14.11
N TYR B 98 -13.33 -37.81 -13.73
CA TYR B 98 -14.07 -36.74 -13.07
C TYR B 98 -14.35 -35.64 -14.10
N GLU B 99 -15.58 -35.63 -14.61
CA GLU B 99 -15.97 -34.66 -15.63
C GLU B 99 -15.95 -33.23 -15.13
N ASN B 100 -15.92 -33.02 -13.80
CA ASN B 100 -15.90 -31.70 -13.22
C ASN B 100 -14.50 -31.13 -13.07
N ILE B 101 -13.47 -31.87 -13.46
CA ILE B 101 -12.10 -31.45 -13.26
C ILE B 101 -11.53 -30.95 -14.59
N SER B 102 -11.06 -29.71 -14.60
CA SER B 102 -10.32 -29.12 -15.71
C SER B 102 -8.87 -28.92 -15.30
N LEU B 103 -8.00 -28.80 -16.30
CA LEU B 103 -6.56 -28.66 -16.07
C LEU B 103 -6.06 -27.37 -16.71
N CYS B 104 -5.07 -26.75 -16.07
CA CYS B 104 -4.37 -25.61 -16.64
C CYS B 104 -2.88 -25.86 -16.54
N GLN B 105 -2.20 -25.93 -17.68
CA GLN B 105 -0.77 -26.20 -17.71
C GLN B 105 -0.02 -24.88 -17.69
N ALA B 106 0.57 -24.55 -16.55
CA ALA B 106 1.37 -23.33 -16.46
C ALA B 106 2.53 -23.39 -17.43
N LYS B 107 2.70 -22.33 -18.20
CA LYS B 107 3.80 -22.31 -19.16
C LYS B 107 5.13 -22.24 -18.41
N LEU B 108 6.08 -23.06 -18.86
CA LEU B 108 7.43 -23.14 -18.29
C LEU B 108 8.41 -22.93 -19.43
N ASP B 109 8.56 -21.67 -19.84
CA ASP B 109 9.31 -21.33 -21.04
C ASP B 109 10.79 -21.12 -20.79
N ILE B 110 11.25 -21.40 -19.57
CA ILE B 110 12.68 -21.40 -19.26
C ILE B 110 13.05 -22.80 -18.79
N ALA B 111 14.15 -23.33 -19.32
CA ALA B 111 14.53 -24.70 -19.03
C ALA B 111 14.70 -24.92 -17.52
N PHE B 112 14.55 -26.17 -17.11
CA PHE B 112 14.68 -26.58 -15.71
C PHE B 112 13.64 -25.93 -14.82
N GLY B 113 12.55 -25.41 -15.40
CA GLY B 113 11.52 -24.72 -14.64
C GLY B 113 10.43 -25.65 -14.14
N THR B 114 9.85 -25.32 -12.99
N THR B 114 9.87 -25.31 -12.98
CA THR B 114 8.83 -26.15 -12.39
CA THR B 114 8.88 -26.13 -12.30
C THR B 114 7.73 -25.25 -11.83
C THR B 114 7.74 -25.25 -11.80
N HIS B 115 6.57 -25.86 -11.60
CA HIS B 115 5.43 -25.18 -11.00
C HIS B 115 5.28 -25.69 -9.57
N HIS B 116 5.85 -24.95 -8.61
CA HIS B 116 5.90 -25.40 -7.22
C HIS B 116 4.83 -24.77 -6.33
N THR B 117 4.23 -23.67 -6.78
CA THR B 117 3.20 -22.99 -6.00
C THR B 117 2.13 -23.94 -5.50
N LYS B 118 1.83 -23.84 -4.19
CA LYS B 118 0.77 -24.60 -3.55
C LYS B 118 -0.30 -23.63 -3.06
N MET B 119 -1.43 -23.59 -3.74
CA MET B 119 -2.45 -22.61 -3.39
C MET B 119 -3.82 -23.21 -3.67
N MET B 120 -4.78 -22.91 -2.81
CA MET B 120 -6.18 -23.23 -3.07
C MET B 120 -6.97 -21.93 -3.23
N LEU B 121 -7.74 -21.83 -4.30
CA LEU B 121 -8.75 -20.79 -4.41
C LEU B 121 -10.10 -21.46 -4.20
N LEU B 122 -10.86 -20.98 -3.21
CA LEU B 122 -12.07 -21.66 -2.75
C LEU B 122 -13.23 -20.68 -2.83
N LEU B 123 -14.10 -20.86 -3.81
CA LEU B 123 -15.22 -19.95 -4.04
C LEU B 123 -16.46 -20.54 -3.36
N TYR B 124 -17.07 -19.76 -2.47
CA TYR B 124 -18.24 -20.20 -1.74
C TYR B 124 -19.46 -19.36 -2.10
N GLU B 125 -20.63 -19.86 -1.70
CA GLU B 125 -21.83 -19.03 -1.73
C GLU B 125 -21.66 -17.80 -0.84
N GLU B 126 -20.87 -17.92 0.21
CA GLU B 126 -20.70 -16.87 1.21
C GLU B 126 -19.52 -15.95 0.93
N GLY B 127 -18.70 -16.27 -0.04
CA GLY B 127 -17.51 -15.46 -0.30
C GLY B 127 -16.43 -16.30 -0.93
N LEU B 128 -15.18 -15.87 -0.68
CA LEU B 128 -14.01 -16.45 -1.32
C LEU B 128 -12.92 -16.62 -0.26
N ARG B 129 -12.17 -17.72 -0.35
CA ARG B 129 -11.02 -17.94 0.52
C ARG B 129 -9.81 -18.33 -0.31
N VAL B 130 -8.64 -17.90 0.16
CA VAL B 130 -7.36 -18.21 -0.46
C VAL B 130 -6.53 -18.95 0.57
N VAL B 131 -5.95 -20.07 0.18
CA VAL B 131 -5.09 -20.86 1.07
C VAL B 131 -3.73 -20.97 0.37
N ILE B 132 -2.67 -20.53 1.05
CA ILE B 132 -1.33 -20.66 0.51
C ILE B 132 -0.57 -21.57 1.46
N HIS B 133 -0.01 -22.65 0.95
CA HIS B 133 0.47 -23.71 1.82
C HIS B 133 1.68 -24.38 1.17
N THR B 134 2.13 -25.50 1.74
CA THR B 134 3.38 -26.11 1.29
C THR B 134 3.25 -27.58 0.88
N SER B 135 2.05 -28.17 0.93
CA SER B 135 1.88 -29.60 0.69
C SER B 135 1.50 -29.94 -0.75
N ASN B 136 2.10 -31.00 -1.28
CA ASN B 136 1.56 -31.59 -2.49
C ASN B 136 0.21 -32.24 -2.19
N LEU B 137 -0.57 -32.46 -3.25
CA LEU B 137 -1.90 -33.07 -3.14
C LEU B 137 -1.79 -34.59 -3.28
N ILE B 138 -0.99 -35.17 -2.38
CA ILE B 138 -0.82 -36.62 -2.27
C ILE B 138 -0.88 -37.00 -0.80
N HIS B 139 -1.30 -38.24 -0.53
CA HIS B 139 -1.50 -38.66 0.86
C HIS B 139 -0.26 -38.44 1.71
N ALA B 140 0.92 -38.77 1.18
CA ALA B 140 2.13 -38.74 2.01
C ALA B 140 2.48 -37.34 2.47
N ASP B 141 2.12 -36.31 1.70
CA ASP B 141 2.49 -34.97 2.12
C ASP B 141 1.65 -34.47 3.30
N TRP B 142 0.50 -35.09 3.57
CA TRP B 142 -0.34 -34.68 4.69
C TRP B 142 -0.30 -35.67 5.83
N HIS B 143 0.60 -36.66 5.80
CA HIS B 143 0.55 -37.76 6.75
C HIS B 143 1.49 -37.53 7.93
N GLN B 144 2.81 -37.60 7.69
CA GLN B 144 3.77 -37.50 8.79
C GLN B 144 4.82 -36.43 8.54
N LYS B 145 4.48 -35.38 7.79
CA LYS B 145 5.41 -34.29 7.53
C LYS B 145 5.00 -33.03 8.28
N THR B 146 5.99 -32.16 8.50
CA THR B 146 5.71 -30.81 8.96
C THR B 146 5.47 -29.94 7.72
N GLN B 147 4.26 -29.40 7.62
CA GLN B 147 3.87 -28.55 6.51
C GLN B 147 3.19 -27.32 7.07
N GLY B 148 3.17 -26.24 6.29
CA GLY B 148 2.62 -24.96 6.74
C GLY B 148 1.47 -24.50 5.87
N ILE B 149 0.51 -23.82 6.49
CA ILE B 149 -0.72 -23.36 5.84
C ILE B 149 -1.00 -21.95 6.31
N TRP B 150 -1.33 -21.06 5.38
CA TRP B 150 -1.92 -19.76 5.71
C TRP B 150 -3.37 -19.76 5.20
N LEU B 151 -4.32 -19.48 6.09
CA LEU B 151 -5.73 -19.35 5.72
C LEU B 151 -6.12 -17.88 5.66
N SER B 152 -6.61 -17.43 4.49
CA SER B 152 -7.13 -16.07 4.41
C SER B 152 -8.44 -16.00 5.18
N PRO B 153 -8.88 -14.79 5.53
CA PRO B 153 -10.27 -14.63 6.00
C PRO B 153 -11.24 -15.04 4.92
N LEU B 154 -12.51 -15.18 5.32
CA LEU B 154 -13.59 -15.28 4.34
C LEU B 154 -13.80 -13.91 3.72
N TYR B 155 -13.49 -13.79 2.43
CA TYR B 155 -13.64 -12.51 1.74
C TYR B 155 -15.07 -12.36 1.24
N PRO B 156 -15.82 -11.35 1.66
CA PRO B 156 -17.18 -11.17 1.14
C PRO B 156 -17.18 -10.61 -0.27
N ARG B 157 -18.27 -10.87 -0.98
CA ARG B 157 -18.44 -10.26 -2.30
C ARG B 157 -18.68 -8.76 -2.15
N ILE B 158 -18.09 -7.97 -3.04
CA ILE B 158 -18.48 -6.58 -3.15
C ILE B 158 -19.87 -6.51 -3.75
N ALA B 159 -20.77 -5.76 -3.11
CA ALA B 159 -22.12 -5.59 -3.62
C ALA B 159 -22.10 -5.10 -5.06
N ASP B 160 -22.94 -5.70 -5.90
CA ASP B 160 -23.03 -5.25 -7.29
C ASP B 160 -23.58 -3.83 -7.34
N GLY B 161 -23.12 -3.07 -8.34
CA GLY B 161 -23.37 -1.64 -8.38
C GLY B 161 -22.49 -0.80 -7.50
N THR B 162 -21.76 -1.42 -6.57
CA THR B 162 -20.83 -0.71 -5.69
C THR B 162 -19.45 -0.68 -6.32
N HIS B 163 -18.77 0.47 -6.20
CA HIS B 163 -17.40 0.65 -6.68
C HIS B 163 -16.47 0.82 -5.48
N LYS B 164 -15.81 -0.27 -5.09
CA LYS B 164 -14.79 -0.28 -4.05
C LYS B 164 -13.58 -1.05 -4.58
N SER B 165 -12.38 -0.71 -4.08
CA SER B 165 -11.22 -1.48 -4.51
C SER B 165 -11.25 -2.88 -3.93
N GLY B 166 -11.77 -3.04 -2.72
CA GLY B 166 -11.58 -4.30 -2.03
C GLY B 166 -10.14 -4.59 -1.68
N GLU B 167 -9.28 -3.58 -1.65
CA GLU B 167 -7.84 -3.77 -1.51
C GLU B 167 -7.43 -3.67 -0.05
N SER B 168 -6.35 -4.38 0.31
CA SER B 168 -5.89 -4.34 1.69
C SER B 168 -4.69 -3.41 1.83
N PRO B 169 -4.32 -3.04 3.06
CA PRO B 169 -3.11 -2.22 3.23
C PRO B 169 -1.87 -2.90 2.70
N THR B 170 -1.87 -4.24 2.54
CA THR B 170 -0.68 -4.93 2.04
C THR B 170 -0.70 -5.12 0.52
N HIS B 171 -1.72 -4.58 -0.17
CA HIS B 171 -1.85 -4.67 -1.62
C HIS B 171 -2.10 -6.09 -2.10
N PHE B 172 -2.60 -6.95 -1.22
CA PHE B 172 -2.68 -8.38 -1.51
C PHE B 172 -3.58 -8.67 -2.70
N LYS B 173 -4.69 -7.96 -2.81
CA LYS B 173 -5.62 -8.22 -3.91
C LYS B 173 -4.95 -7.98 -5.26
N ALA B 174 -4.40 -6.78 -5.47
CA ALA B 174 -3.72 -6.53 -6.74
C ALA B 174 -2.55 -7.48 -6.94
N ASP B 175 -1.80 -7.80 -5.87
CA ASP B 175 -0.60 -8.62 -6.02
C ASP B 175 -0.95 -10.05 -6.39
N LEU B 176 -2.07 -10.57 -5.85
CA LEU B 176 -2.51 -11.91 -6.22
C LEU B 176 -2.98 -11.93 -7.67
N ILE B 177 -3.72 -10.90 -8.10
CA ILE B 177 -4.12 -10.83 -9.50
C ILE B 177 -2.90 -10.75 -10.40
N SER B 178 -1.90 -9.94 -10.00
N SER B 178 -1.89 -9.96 -10.01
CA SER B 178 -0.67 -9.85 -10.79
CA SER B 178 -0.68 -9.85 -10.80
C SER B 178 0.01 -11.21 -10.90
C SER B 178 0.02 -11.21 -10.90
N TYR B 179 0.02 -11.98 -9.81
CA TYR B 179 0.60 -13.32 -9.85
C TYR B 179 -0.15 -14.21 -10.84
N LEU B 180 -1.49 -14.21 -10.77
CA LEU B 180 -2.26 -15.01 -11.70
C LEU B 180 -2.13 -14.51 -13.14
N MET B 181 -1.96 -13.20 -13.33
N MET B 181 -1.97 -13.19 -13.33
CA MET B 181 -1.84 -12.68 -14.70
CA MET B 181 -1.82 -12.64 -14.68
C MET B 181 -0.57 -13.17 -15.39
C MET B 181 -0.59 -13.20 -15.38
N ALA B 182 0.47 -13.49 -14.62
CA ALA B 182 1.71 -13.97 -15.21
C ALA B 182 1.53 -15.31 -15.95
N TYR B 183 0.52 -16.10 -15.57
CA TYR B 183 0.28 -17.36 -16.28
C TYR B 183 -0.22 -17.14 -17.69
N ASN B 184 -0.90 -16.02 -17.93
CA ASN B 184 -1.53 -15.76 -19.22
C ASN B 184 -2.42 -16.94 -19.64
N ALA B 185 -3.23 -17.41 -18.68
CA ALA B 185 -4.07 -18.58 -18.93
C ALA B 185 -5.54 -18.20 -18.89
N PRO B 186 -6.35 -18.65 -19.85
CA PRO B 186 -7.78 -18.28 -19.84
C PRO B 186 -8.52 -18.78 -18.62
N SER B 187 -8.22 -20.00 -18.16
CA SER B 187 -8.89 -20.53 -16.98
C SER B 187 -8.60 -19.68 -15.75
N LEU B 188 -7.43 -19.05 -15.69
CA LEU B 188 -7.10 -18.21 -14.55
C LEU B 188 -7.64 -16.79 -14.70
N LYS B 189 -7.87 -16.32 -15.93
CA LYS B 189 -8.56 -15.03 -16.06
C LYS B 189 -9.94 -15.11 -15.42
N GLU B 190 -10.61 -16.26 -15.54
CA GLU B 190 -11.86 -16.47 -14.84
C GLU B 190 -11.68 -16.30 -13.33
N TRP B 191 -10.59 -16.83 -12.78
CA TRP B 191 -10.39 -16.69 -11.34
C TRP B 191 -9.99 -15.26 -10.98
N ILE B 192 -9.32 -14.55 -11.89
CA ILE B 192 -9.01 -13.13 -11.65
C ILE B 192 -10.30 -12.34 -11.51
N ASP B 193 -11.28 -12.61 -12.38
CA ASP B 193 -12.54 -11.88 -12.32
C ASP B 193 -13.33 -12.19 -11.06
N VAL B 194 -13.24 -13.42 -10.57
CA VAL B 194 -13.80 -13.78 -9.26
C VAL B 194 -13.17 -12.92 -8.17
N ILE B 195 -11.83 -12.86 -8.15
CA ILE B 195 -11.15 -12.09 -7.12
C ILE B 195 -11.53 -10.62 -7.19
N HIS B 196 -11.62 -10.08 -8.41
CA HIS B 196 -12.04 -8.70 -8.59
C HIS B 196 -13.36 -8.42 -7.88
N LYS B 197 -14.27 -9.40 -7.85
CA LYS B 197 -15.60 -9.23 -7.29
C LYS B 197 -15.65 -9.33 -5.77
N HIS B 198 -14.55 -9.65 -5.11
CA HIS B 198 -14.54 -9.82 -3.67
C HIS B 198 -13.70 -8.77 -2.96
N ASP B 199 -13.99 -8.61 -1.67
CA ASP B 199 -13.34 -7.63 -0.79
C ASP B 199 -12.24 -8.34 0.00
N LEU B 200 -10.99 -8.10 -0.38
CA LEU B 200 -9.85 -8.71 0.29
C LEU B 200 -9.18 -7.75 1.28
N SER B 201 -9.87 -6.69 1.68
CA SER B 201 -9.24 -5.62 2.44
C SER B 201 -8.77 -6.07 3.82
N GLU B 202 -9.31 -7.16 4.38
CA GLU B 202 -8.87 -7.59 5.69
C GLU B 202 -7.50 -8.28 5.67
N THR B 203 -6.92 -8.55 4.50
CA THR B 203 -5.67 -9.30 4.41
C THR B 203 -4.50 -8.54 5.04
N ASN B 204 -3.80 -9.19 5.98
N ASN B 204 -3.77 -9.17 5.96
CA ASN B 204 -2.70 -8.57 6.70
CA ASN B 204 -2.66 -8.50 6.63
C ASN B 204 -1.34 -9.20 6.38
C ASN B 204 -1.31 -9.13 6.31
N VAL B 205 -1.25 -10.04 5.33
CA VAL B 205 0.03 -10.57 4.86
C VAL B 205 0.34 -9.97 3.50
N TYR B 206 1.65 -9.98 3.16
CA TYR B 206 2.13 -9.61 1.84
C TYR B 206 2.39 -10.83 0.99
N LEU B 207 2.00 -10.77 -0.27
CA LEU B 207 2.24 -11.87 -1.20
C LEU B 207 3.67 -11.80 -1.74
N ILE B 208 4.38 -12.93 -1.75
CA ILE B 208 5.71 -13.01 -2.36
C ILE B 208 5.70 -14.19 -3.32
N GLY B 209 5.62 -13.90 -4.62
CA GLY B 209 5.65 -14.95 -5.63
C GLY B 209 6.91 -14.95 -6.46
N SER B 210 7.15 -16.08 -7.11
CA SER B 210 8.09 -16.17 -8.22
C SER B 210 7.31 -16.65 -9.42
N THR B 211 7.63 -16.10 -10.59
CA THR B 211 7.14 -16.60 -11.87
C THR B 211 8.31 -16.68 -12.82
N PRO B 212 8.26 -17.56 -13.82
CA PRO B 212 9.41 -17.70 -14.72
C PRO B 212 9.58 -16.46 -15.59
N GLY B 213 10.83 -16.05 -15.79
CA GLY B 213 11.09 -14.93 -16.66
C GLY B 213 12.45 -14.31 -16.43
N ARG B 214 12.71 -13.26 -17.20
N ARG B 214 12.71 -13.26 -17.19
CA ARG B 214 13.92 -12.44 -17.08
CA ARG B 214 13.93 -12.44 -17.06
C ARG B 214 13.43 -11.01 -16.92
C ARG B 214 13.46 -11.01 -16.92
N PHE B 215 13.49 -10.50 -15.70
CA PHE B 215 12.90 -9.23 -15.34
C PHE B 215 13.96 -8.14 -15.25
N GLN B 216 13.68 -6.99 -15.85
CA GLN B 216 14.57 -5.84 -15.83
C GLN B 216 13.81 -4.63 -15.35
N GLY B 217 14.54 -3.55 -15.09
CA GLY B 217 13.91 -2.33 -14.64
C GLY B 217 13.18 -2.54 -13.32
N SER B 218 12.02 -1.89 -13.20
CA SER B 218 11.23 -2.02 -11.99
C SER B 218 10.66 -3.42 -11.84
N GLN B 219 10.43 -4.12 -12.96
CA GLN B 219 9.84 -5.45 -12.89
C GLN B 219 10.68 -6.41 -12.06
N LYS B 220 11.99 -6.13 -11.91
CA LYS B 220 12.81 -6.92 -10.99
C LYS B 220 12.18 -7.04 -9.62
N ASP B 221 11.58 -5.94 -9.14
CA ASP B 221 11.04 -5.89 -7.79
C ASP B 221 9.77 -6.70 -7.61
N ASN B 222 9.22 -7.28 -8.69
CA ASN B 222 7.92 -7.94 -8.60
C ASN B 222 8.01 -9.33 -8.00
N TRP B 223 9.18 -9.98 -8.08
CA TRP B 223 9.24 -11.42 -7.84
C TRP B 223 10.48 -11.82 -7.05
N GLY B 224 10.40 -13.00 -6.45
CA GLY B 224 11.59 -13.65 -5.89
C GLY B 224 12.23 -12.84 -4.78
N HIS B 225 13.56 -12.92 -4.71
CA HIS B 225 14.20 -12.30 -3.56
C HIS B 225 14.25 -10.79 -3.69
N PHE B 226 14.17 -10.25 -4.92
CA PHE B 226 14.03 -8.80 -5.04
C PHE B 226 12.69 -8.30 -4.54
N ARG B 227 11.63 -9.10 -4.73
CA ARG B 227 10.34 -8.78 -4.13
C ARG B 227 10.43 -8.75 -2.61
N LEU B 228 11.10 -9.74 -2.02
CA LEU B 228 11.29 -9.73 -0.56
C LEU B 228 12.07 -8.49 -0.15
N LYS B 229 13.13 -8.17 -0.88
CA LYS B 229 13.95 -7.02 -0.54
C LYS B 229 13.12 -5.73 -0.57
N LYS B 230 12.28 -5.57 -1.59
CA LYS B 230 11.49 -4.35 -1.70
C LYS B 230 10.51 -4.22 -0.55
N LEU B 231 9.89 -5.34 -0.14
CA LEU B 231 8.93 -5.28 0.96
C LEU B 231 9.62 -4.94 2.28
N LEU B 232 10.81 -5.49 2.49
CA LEU B 232 11.55 -5.23 3.73
C LEU B 232 12.00 -3.78 3.80
N LYS B 233 12.44 -3.24 2.65
CA LYS B 233 12.83 -1.84 2.59
C LYS B 233 11.64 -0.93 2.88
N ASP B 234 10.50 -1.21 2.25
CA ASP B 234 9.35 -0.30 2.32
C ASP B 234 8.54 -0.44 3.60
N HIS B 235 8.54 -1.63 4.23
CA HIS B 235 7.53 -1.91 5.26
C HIS B 235 8.10 -2.48 6.56
N ALA B 236 9.41 -2.60 6.67
CA ALA B 236 10.07 -2.89 7.94
C ALA B 236 11.01 -1.74 8.25
N SER B 237 11.37 -1.61 9.52
CA SER B 237 12.33 -0.62 9.95
C SER B 237 13.55 -1.30 10.53
N SER B 238 14.69 -0.64 10.42
CA SER B 238 15.93 -1.19 10.94
C SER B 238 16.10 -0.77 12.39
N MET B 239 16.49 -1.73 13.23
CA MET B 239 16.75 -1.53 14.65
C MET B 239 18.23 -1.24 14.86
N PRO B 240 18.60 -0.72 16.04
CA PRO B 240 20.01 -0.70 16.42
C PRO B 240 20.52 -2.12 16.51
N ASN B 241 21.80 -2.31 16.21
CA ASN B 241 22.43 -3.61 16.31
C ASN B 241 21.77 -4.63 15.37
N ALA B 242 21.22 -4.15 14.24
CA ALA B 242 20.58 -5.04 13.29
C ALA B 242 21.53 -6.11 12.79
N GLU B 243 22.83 -5.79 12.68
CA GLU B 243 23.83 -6.77 12.25
C GLU B 243 23.85 -8.00 13.15
N SER B 244 23.36 -7.88 14.38
CA SER B 244 23.30 -8.99 15.32
C SER B 244 22.04 -9.83 15.18
N TRP B 245 21.05 -9.39 14.39
CA TRP B 245 19.84 -10.16 14.19
C TRP B 245 20.10 -11.21 13.11
N PRO B 246 20.11 -12.50 13.45
CA PRO B 246 20.38 -13.53 12.44
C PRO B 246 19.32 -13.60 11.36
N VAL B 247 19.67 -14.28 10.29
CA VAL B 247 18.72 -14.73 9.27
C VAL B 247 18.65 -16.25 9.36
N VAL B 248 17.43 -16.78 9.32
CA VAL B 248 17.18 -18.21 9.33
C VAL B 248 16.48 -18.60 8.04
N GLY B 249 16.99 -19.62 7.36
CA GLY B 249 16.32 -20.21 6.21
C GLY B 249 16.14 -21.69 6.50
N GLN B 250 14.98 -22.21 6.15
CA GLN B 250 14.59 -23.57 6.51
C GLN B 250 13.85 -24.15 5.31
N PHE B 251 14.34 -25.28 4.77
CA PHE B 251 13.91 -25.72 3.45
C PHE B 251 13.98 -27.24 3.37
N SER B 252 13.48 -27.78 2.25
CA SER B 252 13.50 -29.22 2.05
C SER B 252 14.33 -29.64 0.84
N SER B 253 14.95 -28.70 0.14
CA SER B 253 15.91 -29.06 -0.90
C SER B 253 16.82 -27.87 -1.16
N VAL B 254 17.93 -28.15 -1.83
CA VAL B 254 18.95 -27.14 -2.12
C VAL B 254 19.32 -27.26 -3.59
N GLY B 255 19.39 -26.12 -4.28
CA GLY B 255 19.91 -26.08 -5.64
C GLY B 255 21.42 -25.92 -5.65
N SER B 256 21.96 -25.81 -6.86
N SER B 256 21.96 -25.80 -6.86
CA SER B 256 23.38 -25.54 -7.06
CA SER B 256 23.39 -25.54 -7.05
C SER B 256 23.62 -24.05 -6.81
C SER B 256 23.63 -24.05 -6.82
N LEU B 257 24.32 -23.72 -5.73
CA LEU B 257 24.52 -22.33 -5.35
C LEU B 257 25.83 -21.72 -5.87
N GLY B 258 26.76 -22.53 -6.36
CA GLY B 258 28.03 -22.02 -6.83
C GLY B 258 29.19 -22.56 -6.03
N ALA B 259 30.40 -22.16 -6.46
CA ALA B 259 31.62 -22.74 -5.91
C ALA B 259 31.99 -22.20 -4.52
N ASP B 260 31.41 -21.07 -4.12
CA ASP B 260 31.55 -20.58 -2.76
C ASP B 260 30.37 -19.65 -2.48
N GLU B 261 30.29 -19.17 -1.24
CA GLU B 261 29.14 -18.37 -0.82
C GLU B 261 29.09 -17.02 -1.53
N SER B 262 30.21 -16.56 -2.07
CA SER B 262 30.24 -15.27 -2.76
C SER B 262 29.44 -15.27 -4.04
N LYS B 263 29.17 -16.43 -4.64
CA LYS B 263 28.58 -16.42 -5.97
C LYS B 263 27.09 -16.12 -5.96
N TRP B 264 26.40 -16.38 -4.85
CA TRP B 264 24.97 -16.11 -4.80
C TRP B 264 24.43 -16.07 -3.38
N LEU B 265 24.76 -17.08 -2.57
CA LEU B 265 24.16 -17.22 -1.25
C LEU B 265 24.35 -15.97 -0.41
N CYS B 266 25.61 -15.63 -0.12
CA CYS B 266 25.88 -14.50 0.76
C CYS B 266 26.00 -13.19 0.02
N SER B 267 26.07 -13.20 -1.31
CA SER B 267 26.01 -11.94 -2.04
C SER B 267 24.53 -11.57 -2.18
N GLU B 268 23.87 -11.98 -3.26
CA GLU B 268 22.58 -11.39 -3.56
C GLU B 268 21.45 -11.95 -2.69
N PHE B 269 21.46 -13.26 -2.38
CA PHE B 269 20.35 -13.81 -1.60
C PHE B 269 20.36 -13.29 -0.17
N LYS B 270 21.49 -13.43 0.53
CA LYS B 270 21.56 -12.95 1.90
C LYS B 270 21.39 -11.43 1.95
N GLU B 271 21.88 -10.70 0.95
CA GLU B 271 21.72 -9.25 0.93
C GLU B 271 20.24 -8.85 0.96
N SER B 272 19.42 -9.48 0.12
CA SER B 272 17.99 -9.22 0.14
C SER B 272 17.40 -9.59 1.50
N MET B 273 17.84 -10.71 2.07
CA MET B 273 17.25 -11.21 3.30
C MET B 273 17.60 -10.35 4.51
N LEU B 274 18.73 -9.63 4.47
N LEU B 274 18.72 -9.63 4.49
CA LEU B 274 19.12 -8.77 5.58
CA LEU B 274 19.08 -8.79 5.62
C LEU B 274 18.39 -7.44 5.57
C LEU B 274 18.60 -7.36 5.47
N THR B 275 17.83 -7.06 4.43
CA THR B 275 17.30 -5.72 4.25
C THR B 275 16.28 -5.37 5.33
N LEU B 276 16.37 -4.15 5.84
CA LEU B 276 15.38 -3.61 6.77
C LEU B 276 15.36 -2.11 6.56
N GLY B 277 14.20 -1.55 6.26
CA GLY B 277 14.09 -0.11 6.13
C GLY B 277 14.81 0.40 4.89
N LYS B 278 14.79 1.73 4.75
CA LYS B 278 15.20 2.39 3.51
C LYS B 278 16.55 3.08 3.62
N GLU B 279 17.32 2.81 4.66
CA GLU B 279 18.64 3.38 4.82
C GLU B 279 19.66 2.47 4.11
N SER B 280 20.93 2.55 4.49
CA SER B 280 21.93 1.62 3.96
C SER B 280 23.14 1.53 4.87
N SER B 286 29.55 -8.20 5.53
CA SER B 286 28.34 -8.30 6.34
C SER B 286 28.44 -9.42 7.38
N SER B 287 28.35 -9.05 8.66
CA SER B 287 28.57 -9.98 9.76
C SER B 287 27.28 -10.65 10.26
N VAL B 288 26.18 -10.51 9.53
CA VAL B 288 24.92 -11.11 10.00
C VAL B 288 25.05 -12.63 9.98
N PRO B 289 24.76 -13.32 11.08
CA PRO B 289 24.83 -14.79 11.07
C PRO B 289 23.70 -15.39 10.24
N LEU B 290 24.03 -16.44 9.50
CA LEU B 290 23.06 -17.13 8.66
C LEU B 290 22.93 -18.57 9.13
N TYR B 291 21.72 -18.95 9.56
CA TYR B 291 21.41 -20.31 10.00
C TYR B 291 20.56 -20.98 8.92
N LEU B 292 21.02 -22.11 8.40
CA LEU B 292 20.25 -22.88 7.45
C LEU B 292 19.83 -24.18 8.12
N ILE B 293 18.54 -24.46 8.08
CA ILE B 293 17.97 -25.63 8.75
C ILE B 293 17.60 -26.65 7.70
N TYR B 294 18.23 -27.83 7.76
CA TYR B 294 17.97 -28.85 6.77
C TYR B 294 18.21 -30.20 7.43
N PRO B 295 17.32 -31.18 7.23
CA PRO B 295 17.46 -32.47 7.94
C PRO B 295 18.80 -33.14 7.69
N SER B 296 19.43 -33.57 8.80
CA SER B 296 20.57 -34.47 8.69
C SER B 296 20.11 -35.86 8.30
N VAL B 297 21.08 -36.69 7.93
CA VAL B 297 20.78 -38.11 7.73
C VAL B 297 20.13 -38.69 8.96
N GLU B 298 20.68 -38.38 10.14
N GLU B 298 20.69 -38.39 10.15
CA GLU B 298 20.14 -38.95 11.39
CA GLU B 298 20.13 -38.96 11.38
C GLU B 298 18.72 -38.47 11.63
C GLU B 298 18.71 -38.47 11.63
N ASN B 299 18.43 -37.20 11.33
CA ASN B 299 17.05 -36.70 11.45
C ASN B 299 16.09 -37.55 10.64
N VAL B 300 16.48 -37.85 9.40
CA VAL B 300 15.61 -38.64 8.51
C VAL B 300 15.53 -40.08 8.99
N ARG B 301 16.67 -40.68 9.33
CA ARG B 301 16.69 -42.10 9.72
C ARG B 301 15.73 -42.38 10.86
N THR B 302 15.68 -41.50 11.85
CA THR B 302 14.84 -41.77 13.02
C THR B 302 13.49 -41.07 12.96
N SER B 303 13.08 -40.59 11.78
CA SER B 303 11.82 -39.87 11.66
C SER B 303 10.66 -40.85 11.69
N LEU B 304 9.45 -40.29 11.82
CA LEU B 304 8.24 -41.12 11.79
C LEU B 304 8.19 -41.98 10.53
N GLU B 305 8.63 -41.44 9.40
CA GLU B 305 8.60 -42.21 8.15
C GLU B 305 9.83 -43.07 7.93
N GLY B 306 10.93 -42.77 8.60
CA GLY B 306 12.19 -43.42 8.28
C GLY B 306 12.84 -42.81 7.05
N TYR B 307 13.71 -43.61 6.43
CA TYR B 307 14.36 -43.16 5.21
C TYR B 307 13.38 -42.68 4.13
N PRO B 308 12.20 -43.27 3.96
CA PRO B 308 11.29 -42.75 2.92
C PRO B 308 10.95 -41.28 3.07
N ALA B 309 11.12 -40.69 4.26
CA ALA B 309 10.97 -39.24 4.35
C ALA B 309 11.93 -38.54 3.41
N GLY B 310 13.10 -39.15 3.17
CA GLY B 310 14.09 -38.57 2.30
C GLY B 310 13.72 -38.56 0.83
N GLY B 311 12.66 -39.26 0.43
CA GLY B 311 12.19 -39.16 -0.93
C GLY B 311 11.58 -37.80 -1.24
N SER B 312 11.27 -37.02 -0.20
CA SER B 312 10.76 -35.66 -0.35
C SER B 312 11.79 -34.63 0.08
N LEU B 313 13.06 -35.01 0.18
CA LEU B 313 14.15 -34.10 0.52
C LEU B 313 15.21 -34.23 -0.56
N PRO B 314 14.93 -33.71 -1.80
CA PRO B 314 15.73 -34.11 -2.99
C PRO B 314 17.01 -33.30 -3.18
N TYR B 315 17.96 -33.49 -2.29
CA TYR B 315 19.31 -32.96 -2.41
C TYR B 315 20.18 -34.05 -3.01
N SER B 316 20.69 -33.82 -4.22
N SER B 316 20.69 -33.81 -4.22
CA SER B 316 21.43 -34.83 -4.95
CA SER B 316 21.45 -34.80 -4.96
C SER B 316 22.93 -34.74 -4.66
C SER B 316 22.93 -34.73 -4.61
N ILE B 317 23.59 -35.90 -4.66
CA ILE B 317 25.02 -35.95 -4.38
C ILE B 317 25.79 -35.15 -5.43
N GLN B 318 25.31 -35.14 -6.67
CA GLN B 318 25.98 -34.39 -7.73
C GLN B 318 26.01 -32.90 -7.42
N THR B 319 24.92 -32.37 -6.87
CA THR B 319 24.91 -30.96 -6.47
C THR B 319 25.72 -30.76 -5.18
N ALA B 320 25.49 -31.61 -4.18
CA ALA B 320 26.11 -31.44 -2.87
C ALA B 320 27.63 -31.45 -2.95
N GLU B 321 28.20 -32.35 -3.74
CA GLU B 321 29.65 -32.47 -3.77
C GLU B 321 30.33 -31.30 -4.45
N LYS B 322 29.57 -30.44 -5.12
CA LYS B 322 30.10 -29.22 -5.72
C LYS B 322 30.09 -28.03 -4.76
N GLN B 323 29.55 -28.21 -3.56
CA GLN B 323 29.33 -27.07 -2.67
C GLN B 323 29.42 -27.52 -1.21
N ASN B 324 30.46 -28.29 -0.87
CA ASN B 324 30.59 -28.73 0.52
C ASN B 324 30.76 -27.55 1.47
N TRP B 325 31.29 -26.42 0.98
CA TRP B 325 31.36 -25.21 1.80
C TRP B 325 30.01 -24.86 2.43
N LEU B 326 28.91 -25.22 1.77
CA LEU B 326 27.59 -24.79 2.23
C LEU B 326 27.20 -25.48 3.54
N HIS B 327 27.66 -26.71 3.74
CA HIS B 327 27.13 -27.53 4.83
C HIS B 327 27.61 -27.07 6.20
N SER B 328 28.61 -26.19 6.28
N SER B 328 28.61 -26.19 6.28
CA SER B 328 28.98 -25.61 7.57
CA SER B 328 28.99 -25.59 7.55
C SER B 328 27.93 -24.63 8.07
C SER B 328 27.96 -24.59 8.05
N TYR B 329 26.95 -24.27 7.25
CA TYR B 329 25.83 -23.43 7.68
C TYR B 329 24.66 -24.26 8.19
N PHE B 330 24.73 -25.58 8.07
CA PHE B 330 23.54 -26.42 8.26
C PHE B 330 23.29 -26.73 9.73
N HIS B 331 22.03 -26.68 10.11
CA HIS B 331 21.54 -26.95 11.44
C HIS B 331 20.45 -28.02 11.38
N LYS B 332 20.38 -28.83 12.44
CA LYS B 332 19.44 -29.95 12.47
C LYS B 332 18.00 -29.45 12.44
N TRP B 333 17.11 -30.32 11.97
CA TRP B 333 15.68 -30.12 12.19
C TRP B 333 15.34 -30.51 13.63
N SER B 334 14.75 -29.58 14.37
CA SER B 334 14.28 -29.84 15.72
C SER B 334 13.01 -29.04 15.93
N ALA B 335 11.96 -29.69 16.43
CA ALA B 335 10.66 -29.03 16.55
C ALA B 335 9.93 -29.56 17.78
N GLU B 336 10.66 -29.62 18.92
CA GLU B 336 10.02 -29.99 20.18
C GLU B 336 8.84 -29.06 20.48
N THR B 337 8.97 -27.78 20.13
CA THR B 337 7.91 -26.82 20.42
C THR B 337 6.58 -27.24 19.83
N SER B 338 6.57 -27.90 18.66
CA SER B 338 5.34 -28.37 18.06
C SER B 338 5.23 -29.89 18.06
N GLY B 339 6.07 -30.59 18.82
CA GLY B 339 6.03 -32.03 18.87
C GLY B 339 6.40 -32.70 17.57
N ARG B 340 7.14 -32.02 16.70
CA ARG B 340 7.32 -32.46 15.32
C ARG B 340 8.79 -32.72 14.95
N SER B 341 9.66 -32.97 15.94
CA SER B 341 11.05 -33.26 15.62
C SER B 341 11.19 -34.48 14.72
N ASN B 342 10.26 -35.43 14.78
CA ASN B 342 10.32 -36.61 13.94
C ASN B 342 9.40 -36.52 12.73
N ALA B 343 8.77 -35.37 12.50
CA ALA B 343 7.92 -35.14 11.34
C ALA B 343 8.73 -34.28 10.37
N MET B 344 9.36 -34.93 9.39
CA MET B 344 10.32 -34.23 8.55
C MET B 344 9.69 -33.05 7.82
N PRO B 345 10.44 -31.96 7.62
CA PRO B 345 9.85 -30.74 7.10
C PRO B 345 9.69 -30.79 5.58
N HIS B 346 8.50 -30.48 5.12
CA HIS B 346 8.28 -30.08 3.74
C HIS B 346 7.80 -28.63 3.67
N ILE B 347 7.52 -28.03 4.82
CA ILE B 347 7.40 -26.58 4.91
C ILE B 347 8.72 -25.93 4.55
N LYS B 348 8.65 -24.69 4.02
CA LYS B 348 9.83 -23.83 3.90
C LYS B 348 9.51 -22.52 4.60
N THR B 349 10.45 -22.03 5.40
CA THR B 349 10.26 -20.77 6.10
C THR B 349 11.55 -19.98 6.13
N TYR B 350 11.42 -18.66 6.19
CA TYR B 350 12.54 -17.75 6.33
C TYR B 350 12.15 -16.68 7.35
N MET B 351 13.08 -16.27 8.22
CA MET B 351 12.69 -15.31 9.25
C MET B 351 13.93 -14.61 9.80
N ARG B 352 13.68 -13.56 10.60
CA ARG B 352 14.72 -12.67 11.07
C ARG B 352 14.62 -12.51 12.57
N PRO B 353 15.15 -13.47 13.34
CA PRO B 353 15.04 -13.40 14.80
C PRO B 353 16.00 -12.38 15.40
N SER B 354 15.70 -12.00 16.64
CA SER B 354 16.59 -11.15 17.42
C SER B 354 17.79 -11.98 17.88
N PRO B 355 18.84 -11.32 18.40
CA PRO B 355 20.04 -12.09 18.81
C PRO B 355 19.79 -13.18 19.84
N ASP B 356 18.79 -13.02 20.71
CA ASP B 356 18.46 -14.07 21.66
C ASP B 356 17.25 -14.89 21.23
N PHE B 357 16.79 -14.74 19.98
CA PHE B 357 15.71 -15.53 19.38
C PHE B 357 14.40 -15.40 20.14
N SER B 358 14.23 -14.33 20.91
CA SER B 358 12.97 -14.10 21.60
C SER B 358 11.97 -13.32 20.76
N LYS B 359 12.43 -12.65 19.72
CA LYS B 359 11.55 -11.87 18.86
C LYS B 359 11.94 -12.14 17.42
N ILE B 360 11.05 -11.79 16.48
CA ILE B 360 11.38 -11.86 15.07
C ILE B 360 10.93 -10.57 14.37
N ALA B 361 11.71 -10.11 13.40
CA ALA B 361 11.34 -8.92 12.64
C ALA B 361 10.40 -9.24 11.49
N TRP B 362 10.33 -10.49 11.05
CA TRP B 362 9.39 -10.90 10.01
C TRP B 362 9.46 -12.42 9.91
N PHE B 363 8.46 -12.98 9.23
CA PHE B 363 8.34 -14.43 9.04
C PHE B 363 7.74 -14.67 7.67
N LEU B 364 8.35 -15.57 6.90
CA LEU B 364 7.84 -15.96 5.59
C LEU B 364 7.62 -17.46 5.55
N VAL B 365 6.45 -17.89 5.08
CA VAL B 365 6.19 -19.30 4.76
C VAL B 365 5.97 -19.38 3.26
N THR B 366 6.58 -20.36 2.62
CA THR B 366 6.60 -20.33 1.16
C THR B 366 6.85 -21.72 0.61
N SER B 367 6.63 -21.86 -0.69
CA SER B 367 7.05 -23.07 -1.39
C SER B 367 8.54 -23.04 -1.75
N ALA B 368 9.19 -21.88 -1.68
CA ALA B 368 10.53 -21.71 -2.26
C ALA B 368 11.62 -22.36 -1.42
N ASN B 369 12.30 -23.34 -2.00
CA ASN B 369 13.51 -23.92 -1.41
C ASN B 369 14.71 -23.01 -1.61
N LEU B 370 15.88 -23.45 -1.13
CA LEU B 370 17.10 -22.66 -1.24
C LEU B 370 17.73 -22.93 -2.61
N SER B 371 17.24 -22.23 -3.62
CA SER B 371 17.71 -22.41 -4.98
C SER B 371 17.57 -21.13 -5.77
N LYS B 372 18.46 -20.95 -6.74
CA LYS B 372 18.33 -19.82 -7.65
C LYS B 372 17.11 -19.94 -8.54
N ALA B 373 16.71 -21.17 -8.88
CA ALA B 373 15.52 -21.35 -9.70
C ALA B 373 14.30 -20.75 -9.04
N ALA B 374 14.20 -20.91 -7.72
CA ALA B 374 13.01 -20.44 -6.99
C ALA B 374 13.09 -18.95 -6.66
N TRP B 375 14.26 -18.47 -6.24
CA TRP B 375 14.39 -17.11 -5.69
C TRP B 375 14.89 -16.11 -6.72
N GLY B 376 15.47 -16.56 -7.82
CA GLY B 376 16.01 -15.69 -8.84
C GLY B 376 17.51 -15.53 -8.71
N ALA B 377 18.16 -15.34 -9.87
CA ALA B 377 19.58 -15.04 -9.94
C ALA B 377 19.80 -13.92 -10.95
N LEU B 378 20.64 -12.95 -10.56
CA LEU B 378 20.91 -11.82 -11.43
C LEU B 378 21.76 -12.24 -12.61
N GLU B 379 21.50 -11.63 -13.76
CA GLU B 379 22.27 -11.83 -14.98
C GLU B 379 22.52 -10.47 -15.63
N LYS B 380 23.44 -10.46 -16.60
CA LYS B 380 23.77 -9.27 -17.37
C LYS B 380 24.16 -8.11 -16.46
N ASN B 381 25.24 -8.34 -15.70
CA ASN B 381 25.82 -7.38 -14.77
C ASN B 381 24.73 -6.74 -13.90
N GLY B 382 23.97 -7.60 -13.24
CA GLY B 382 23.01 -7.16 -12.25
C GLY B 382 21.77 -6.50 -12.79
N THR B 383 21.57 -6.46 -14.09
CA THR B 383 20.43 -5.77 -14.68
C THR B 383 19.20 -6.64 -14.83
N GLN B 384 19.36 -7.96 -14.85
CA GLN B 384 18.28 -8.88 -15.15
C GLN B 384 18.18 -9.93 -14.05
N LEU B 385 16.97 -10.14 -13.53
CA LEU B 385 16.73 -11.20 -12.55
C LEU B 385 16.04 -12.35 -13.27
N MET B 386 16.70 -13.51 -13.32
CA MET B 386 16.16 -14.68 -14.00
C MET B 386 15.58 -15.64 -12.96
N ILE B 387 14.32 -16.01 -13.16
CA ILE B 387 13.61 -16.97 -12.33
C ILE B 387 13.11 -18.09 -13.22
N ARG B 388 13.25 -19.32 -12.74
CA ARG B 388 12.86 -20.48 -13.53
C ARG B 388 11.49 -21.04 -13.20
N SER B 389 10.97 -20.78 -12.00
N SER B 389 10.98 -20.76 -12.00
CA SER B 389 9.87 -21.58 -11.48
CA SER B 389 9.88 -21.53 -11.43
C SER B 389 8.83 -20.71 -10.80
C SER B 389 8.75 -20.62 -10.96
N TYR B 390 7.60 -21.23 -10.74
CA TYR B 390 6.51 -20.63 -9.98
C TYR B 390 6.67 -21.01 -8.51
N GLU B 391 6.68 -20.01 -7.63
CA GLU B 391 6.70 -20.20 -6.20
C GLU B 391 5.75 -19.20 -5.56
N LEU B 392 5.34 -19.47 -4.33
CA LEU B 392 4.44 -18.54 -3.67
C LEU B 392 4.52 -18.70 -2.17
N GLY B 393 4.54 -17.57 -1.46
CA GLY B 393 4.52 -17.56 -0.01
C GLY B 393 3.84 -16.29 0.47
N VAL B 394 3.65 -16.21 1.79
CA VAL B 394 3.11 -14.99 2.40
C VAL B 394 4.05 -14.52 3.50
N LEU B 395 4.19 -13.21 3.60
CA LEU B 395 5.12 -12.57 4.52
C LEU B 395 4.33 -11.87 5.62
N PHE B 396 4.69 -12.17 6.87
CA PHE B 396 4.17 -11.52 8.06
C PHE B 396 5.16 -10.44 8.48
N LEU B 397 4.72 -9.17 8.45
CA LEU B 397 5.52 -8.06 8.89
C LEU B 397 4.87 -7.42 10.11
N PRO B 398 5.62 -7.13 11.18
CA PRO B 398 5.00 -6.53 12.36
C PRO B 398 4.21 -5.27 12.06
N SER B 399 4.68 -4.43 11.13
CA SER B 399 3.96 -3.18 10.84
C SER B 399 2.54 -3.45 10.32
N ALA B 400 2.32 -4.58 9.65
CA ALA B 400 0.99 -4.90 9.14
C ALA B 400 0.04 -5.30 10.25
N PHE B 401 0.57 -5.46 11.46
CA PHE B 401 -0.22 -5.83 12.64
C PHE B 401 -0.14 -4.77 13.70
N GLY B 402 0.39 -3.58 13.37
CA GLY B 402 0.57 -2.52 14.33
C GLY B 402 1.67 -2.77 15.35
N LEU B 403 2.67 -3.56 15.01
CA LEU B 403 3.73 -3.91 15.95
C LEU B 403 5.09 -3.52 15.38
N ASP B 404 6.06 -3.42 16.30
CA ASP B 404 7.46 -3.21 15.93
C ASP B 404 8.19 -4.52 15.68
N SER B 405 7.79 -5.59 16.38
CA SER B 405 8.29 -6.92 16.14
C SER B 405 7.28 -7.91 16.69
N PHE B 406 7.51 -9.20 16.41
CA PHE B 406 6.71 -10.28 16.95
C PHE B 406 7.50 -10.97 18.06
N LYS B 407 6.83 -11.23 19.18
N LYS B 407 6.83 -11.21 19.19
CA LYS B 407 7.39 -12.15 20.18
CA LYS B 407 7.37 -12.15 20.16
C LYS B 407 7.23 -13.58 19.67
C LYS B 407 7.26 -13.57 19.61
N VAL B 408 8.24 -14.41 19.93
CA VAL B 408 8.20 -15.80 19.52
C VAL B 408 7.39 -16.61 20.53
N LYS B 409 6.39 -17.33 20.04
CA LYS B 409 5.58 -18.21 20.88
C LYS B 409 6.44 -19.32 21.46
N GLN B 410 6.45 -19.45 22.78
CA GLN B 410 7.39 -20.37 23.40
C GLN B 410 6.98 -21.83 23.23
N LYS B 411 5.69 -22.13 23.25
CA LYS B 411 5.19 -23.46 22.88
C LYS B 411 4.14 -23.28 21.79
N PHE B 412 4.36 -23.94 20.64
CA PHE B 412 3.58 -23.68 19.43
C PHE B 412 2.08 -23.83 19.67
N PHE B 413 1.68 -24.80 20.48
CA PHE B 413 0.26 -25.10 20.70
C PHE B 413 -0.25 -24.63 22.04
N ALA B 414 0.57 -23.96 22.85
CA ALA B 414 0.13 -23.47 24.15
C ALA B 414 -0.55 -22.11 24.01
N GLY B 415 -1.16 -21.66 25.10
CA GLY B 415 -1.73 -20.32 25.13
C GLY B 415 -0.66 -19.29 25.46
N SER B 416 -0.89 -18.07 24.98
CA SER B 416 0.04 -16.96 25.17
C SER B 416 -0.70 -15.74 25.67
N GLN B 417 -0.11 -15.05 26.65
CA GLN B 417 -0.76 -13.90 27.27
C GLN B 417 -0.96 -12.76 26.30
N GLU B 418 -0.31 -12.79 25.14
CA GLU B 418 -0.41 -11.73 24.13
C GLU B 418 -0.46 -12.37 22.75
N PRO B 419 -1.55 -13.08 22.43
CA PRO B 419 -1.57 -13.85 21.17
C PRO B 419 -1.47 -12.99 19.93
N MET B 420 -2.08 -11.80 19.93
CA MET B 420 -1.98 -10.91 18.77
C MET B 420 -0.58 -10.36 18.56
N ALA B 421 0.33 -10.60 19.49
CA ALA B 421 1.70 -10.12 19.38
C ALA B 421 2.72 -11.23 19.26
N THR B 422 2.28 -12.51 19.33
CA THR B 422 3.16 -13.66 19.54
C THR B 422 3.08 -14.64 18.38
N PHE B 423 4.17 -14.74 17.58
CA PHE B 423 4.07 -15.52 16.35
C PHE B 423 4.41 -16.98 16.60
N PRO B 424 3.60 -17.91 16.09
CA PRO B 424 3.83 -19.35 16.31
C PRO B 424 4.90 -19.93 15.38
N VAL B 425 6.16 -19.73 15.76
CA VAL B 425 7.26 -20.35 15.02
C VAL B 425 7.20 -21.86 15.23
N PRO B 426 7.20 -22.69 14.16
CA PRO B 426 6.90 -24.11 14.33
C PRO B 426 8.07 -25.02 14.69
N TYR B 427 9.30 -24.52 14.74
CA TYR B 427 10.44 -25.33 15.13
C TYR B 427 11.27 -24.58 16.17
N ASP B 428 12.27 -25.27 16.70
CA ASP B 428 12.97 -24.82 17.91
C ASP B 428 14.04 -23.78 17.57
N LEU B 429 14.21 -22.83 18.49
CA LEU B 429 15.21 -21.78 18.44
C LEU B 429 15.97 -21.77 19.76
N PRO B 430 17.30 -21.52 19.74
CA PRO B 430 18.10 -21.35 18.52
C PRO B 430 18.28 -22.68 17.79
N PRO B 431 18.52 -22.63 16.49
CA PRO B 431 18.78 -23.87 15.75
C PRO B 431 20.07 -24.49 16.22
N GLU B 432 20.17 -25.81 16.09
CA GLU B 432 21.34 -26.53 16.60
C GLU B 432 22.26 -26.92 15.46
N LEU B 433 23.53 -26.56 15.57
CA LEU B 433 24.51 -26.91 14.56
C LEU B 433 24.59 -28.43 14.37
N TYR B 434 24.73 -28.87 13.12
CA TYR B 434 25.16 -30.24 12.86
C TYR B 434 26.35 -30.60 13.73
N GLY B 435 26.35 -31.83 14.26
CA GLY B 435 27.53 -32.36 14.88
C GLY B 435 28.57 -32.77 13.85
N SER B 436 29.78 -33.04 14.33
CA SER B 436 30.88 -33.32 13.42
C SER B 436 30.68 -34.61 12.64
N LYS B 437 29.81 -35.51 13.13
CA LYS B 437 29.50 -36.76 12.44
C LYS B 437 28.25 -36.66 11.59
N ASP B 438 27.54 -35.55 11.66
CA ASP B 438 26.30 -35.39 10.90
C ASP B 438 26.62 -35.09 9.44
N ARG B 439 25.71 -35.50 8.57
CA ARG B 439 25.77 -35.15 7.16
C ARG B 439 24.41 -34.68 6.70
N PRO B 440 24.35 -33.78 5.73
CA PRO B 440 23.04 -33.43 5.17
C PRO B 440 22.43 -34.67 4.53
N TRP B 441 21.09 -34.76 4.63
CA TRP B 441 20.41 -35.81 3.90
C TRP B 441 20.62 -35.61 2.41
N ILE B 442 21.05 -36.67 1.73
CA ILE B 442 21.26 -36.64 0.29
C ILE B 442 20.48 -37.82 -0.27
N TRP B 443 19.53 -37.55 -1.17
CA TRP B 443 18.49 -38.54 -1.40
C TRP B 443 18.89 -39.65 -2.35
N ASN B 444 19.94 -39.49 -3.14
CA ASN B 444 20.26 -40.45 -4.17
C ASN B 444 21.57 -41.19 -3.93
N ILE B 445 21.91 -41.40 -2.66
CA ILE B 445 22.98 -42.32 -2.29
C ILE B 445 22.40 -43.31 -1.28
N PRO B 446 23.01 -44.48 -1.15
CA PRO B 446 22.46 -45.48 -0.22
C PRO B 446 22.86 -45.23 1.22
N TYR B 447 21.99 -45.67 2.12
CA TYR B 447 22.25 -45.70 3.56
C TYR B 447 21.97 -47.14 3.98
N VAL B 448 23.03 -47.92 4.20
CA VAL B 448 22.86 -49.35 4.39
C VAL B 448 23.55 -49.86 5.65
N LYS B 449 24.11 -48.97 6.46
CA LYS B 449 24.82 -49.43 7.65
C LYS B 449 24.03 -49.22 8.93
N ALA B 450 22.88 -48.55 8.87
CA ALA B 450 22.04 -48.33 10.03
C ALA B 450 20.57 -48.33 9.63
N PRO B 451 19.76 -49.23 10.19
CA PRO B 451 18.36 -49.27 9.79
C PRO B 451 17.59 -48.08 10.36
N ASP B 452 16.49 -47.74 9.69
CA ASP B 452 15.69 -46.59 10.09
C ASP B 452 14.62 -47.03 11.10
N THR B 453 13.68 -46.11 11.37
CA THR B 453 12.59 -46.34 12.31
C THR B 453 11.88 -47.66 12.08
N HIS B 454 11.71 -48.04 10.81
CA HIS B 454 10.95 -49.22 10.46
C HIS B 454 11.85 -50.39 10.12
N GLY B 455 13.12 -50.34 10.55
CA GLY B 455 14.03 -51.46 10.32
C GLY B 455 14.50 -51.60 8.89
N ASN B 456 14.41 -50.53 8.10
CA ASN B 456 14.70 -50.59 6.67
C ASN B 456 15.98 -49.83 6.33
N MET B 457 16.57 -50.21 5.20
N MET B 457 16.57 -50.21 5.20
CA MET B 457 17.67 -49.45 4.62
CA MET B 457 17.67 -49.48 4.59
C MET B 457 17.16 -48.63 3.44
C MET B 457 17.14 -48.62 3.45
N TRP B 458 18.02 -47.76 2.93
CA TRP B 458 17.68 -46.87 1.82
C TRP B 458 18.59 -47.17 0.64
N VAL B 459 18.02 -47.63 -0.46
CA VAL B 459 18.81 -47.96 -1.64
C VAL B 459 18.11 -47.35 -2.84
N PRO B 460 18.49 -46.13 -3.25
CA PRO B 460 17.94 -45.56 -4.48
C PRO B 460 18.46 -46.34 -5.69
N SER B 461 17.54 -46.86 -6.49
CA SER B 461 17.90 -47.66 -7.67
C SER B 461 16.69 -48.01 -8.53
#